data_5VT3
#
_entry.id   5VT3
#
_cell.length_a   61.931
_cell.length_b   100.758
_cell.length_c   126.880
_cell.angle_alpha   90.000
_cell.angle_beta   90.000
_cell.angle_gamma   90.000
#
_symmetry.space_group_name_H-M   'P 21 21 21'
#
loop_
_entity.id
_entity.type
_entity.pdbx_description
1 polymer 'Thioredoxin reductase'
2 non-polymer 'NADP NICOTINAMIDE-ADENINE-DINUCLEOTIDE PHOSPHATE'
3 non-polymer 'FLAVIN-ADENINE DINUCLEOTIDE'
4 non-polymer 'POTASSIUM ION'
5 non-polymer 'CACODYLATE ION'
6 non-polymer GLYCEROL
7 water water
#
_entity_poly.entity_id   1
_entity_poly.type   'polypeptide(L)'
_entity_poly.pdbx_seq_one_letter_code
;SNAMSDMKHSKLLILGSGPAGYTAAVYAARANLNPVLITGMQQGGQLTTTTEVENWPGDPEGLTGPGLMDRMKEHAERFE
TEIIFDHINEVDFSTRPFVLKGDAASYSCDALIISTGASAKYLGLESEEAFKGRGVSACATCDGFFYRNQKVAVVGGGNT
AVEEALYLSNIAAEVHLIHRRDSFRAEKILINRLMDKVQNGNIVLHTDRVLDEVLGDEMGVTGVRLKDVKTGGTEELDVM
GAFIAIGHSPNTQIFQGQLDMKDGYILVKSGLEGNATQTSVEGIFAAGDVMDHNYRQAITSAGTGCMAALDAERYLDSLN
DK
;
_entity_poly.pdbx_strand_id   A,B
#
loop_
_chem_comp.id
_chem_comp.type
_chem_comp.name
_chem_comp.formula
CAC non-polymer 'CACODYLATE ION' 'C2 H6 As O2 -1'
FAD non-polymer 'FLAVIN-ADENINE DINUCLEOTIDE' 'C27 H33 N9 O15 P2'
GOL non-polymer GLYCEROL 'C3 H8 O3'
K non-polymer 'POTASSIUM ION' 'K 1'
NAP non-polymer 'NADP NICOTINAMIDE-ADENINE-DINUCLEOTIDE PHOSPHATE' 'C21 H28 N7 O17 P3'
#
# COMPACT_ATOMS: atom_id res chain seq x y z
N LYS A 8 -5.74 28.42 -13.55
CA LYS A 8 -6.40 27.12 -13.64
C LYS A 8 -6.82 26.69 -12.23
N HIS A 9 -8.12 26.70 -11.93
CA HIS A 9 -8.63 26.24 -10.65
C HIS A 9 -9.09 24.80 -10.75
N SER A 10 -8.90 24.05 -9.67
CA SER A 10 -9.57 22.75 -9.62
C SER A 10 -9.95 22.46 -8.18
N LYS A 11 -10.90 21.55 -8.00
CA LYS A 11 -11.25 21.15 -6.63
C LYS A 11 -10.05 20.50 -5.96
N LEU A 12 -9.31 19.66 -6.69
CA LEU A 12 -8.22 18.86 -6.13
C LEU A 12 -7.01 18.93 -7.05
N LEU A 13 -5.89 19.32 -6.47
CA LEU A 13 -4.59 19.29 -7.13
C LEU A 13 -3.69 18.30 -6.40
N ILE A 14 -2.95 17.49 -7.17
CA ILE A 14 -1.99 16.51 -6.66
C ILE A 14 -0.60 16.92 -7.17
N LEU A 15 0.36 17.11 -6.26
CA LEU A 15 1.74 17.35 -6.67
C LEU A 15 2.50 16.03 -6.63
N GLY A 16 2.97 15.57 -7.79
CA GLY A 16 3.90 14.44 -7.78
C GLY A 16 3.42 13.32 -8.68
N SER A 17 4.30 12.72 -9.49
CA SER A 17 3.90 11.63 -10.39
C SER A 17 4.61 10.32 -10.03
N GLY A 18 4.84 10.10 -8.74
CA GLY A 18 5.30 8.83 -8.22
C GLY A 18 4.11 7.97 -7.83
N PRO A 19 4.38 6.85 -7.15
CA PRO A 19 3.26 5.95 -6.82
C PRO A 19 2.25 6.56 -5.84
N ALA A 20 2.64 7.48 -4.95
CA ALA A 20 1.64 8.10 -4.08
C ALA A 20 0.74 9.04 -4.89
N GLY A 21 1.34 9.89 -5.73
CA GLY A 21 0.53 10.80 -6.56
C GLY A 21 -0.44 10.07 -7.47
N TYR A 22 0.06 9.08 -8.22
CA TYR A 22 -0.81 8.35 -9.16
C TYR A 22 -1.86 7.48 -8.47
N THR A 23 -1.56 6.89 -7.31
CA THR A 23 -2.64 6.19 -6.62
C THR A 23 -3.67 7.19 -6.12
N ALA A 24 -3.22 8.34 -5.62
CA ALA A 24 -4.19 9.38 -5.23
C ALA A 24 -5.08 9.76 -6.43
N ALA A 25 -4.49 9.93 -7.61
CA ALA A 25 -5.27 10.32 -8.80
C ALA A 25 -6.29 9.27 -9.15
N VAL A 26 -5.91 7.99 -9.10
CA VAL A 26 -6.88 6.93 -9.41
C VAL A 26 -8.08 7.01 -8.46
N TYR A 27 -7.81 7.11 -7.16
CA TYR A 27 -8.91 7.12 -6.20
C TYR A 27 -9.72 8.43 -6.30
N ALA A 28 -9.03 9.55 -6.49
CA ALA A 28 -9.70 10.84 -6.65
C ALA A 28 -10.57 10.86 -7.89
N ALA A 29 -10.06 10.30 -8.99
CA ALA A 29 -10.83 10.27 -10.23
C ALA A 29 -12.10 9.45 -10.06
N ARG A 30 -11.99 8.32 -9.34
CA ARG A 30 -13.16 7.47 -9.13
C ARG A 30 -14.15 8.06 -8.15
N ALA A 31 -13.70 9.03 -7.32
CA ALA A 31 -14.56 9.82 -6.45
C ALA A 31 -15.13 11.02 -7.17
N ASN A 32 -15.03 11.09 -8.49
N ASN A 32 -14.99 11.07 -8.50
CA ASN A 32 -15.63 12.17 -9.28
CA ASN A 32 -15.55 12.12 -9.36
C ASN A 32 -15.05 13.53 -8.90
C ASN A 32 -15.05 13.51 -8.94
N LEU A 33 -13.78 13.59 -8.53
CA LEU A 33 -13.17 14.86 -8.17
C LEU A 33 -12.41 15.53 -9.31
N ASN A 34 -12.34 14.91 -10.49
CA ASN A 34 -11.61 15.46 -11.62
C ASN A 34 -10.21 15.92 -11.23
N PRO A 35 -9.36 15.02 -10.68
CA PRO A 35 -8.06 15.46 -10.18
C PRO A 35 -7.19 16.02 -11.30
N VAL A 36 -6.44 17.07 -10.95
CA VAL A 36 -5.36 17.57 -11.76
C VAL A 36 -4.06 17.18 -11.06
N LEU A 37 -3.11 16.62 -11.80
CA LEU A 37 -1.86 16.14 -11.25
C LEU A 37 -0.70 16.85 -11.96
N ILE A 38 0.19 17.47 -11.18
CA ILE A 38 1.44 18.09 -11.66
C ILE A 38 2.59 17.09 -11.51
N THR A 39 3.28 16.76 -12.61
CA THR A 39 4.24 15.64 -12.56
C THR A 39 5.49 15.98 -11.76
N GLY A 40 5.88 17.27 -11.71
CA GLY A 40 7.23 17.66 -11.35
C GLY A 40 8.24 17.25 -12.43
N MET A 41 9.52 17.50 -12.11
CA MET A 41 10.61 17.31 -13.05
C MET A 41 10.94 15.85 -13.30
N GLN A 42 10.77 14.98 -12.30
CA GLN A 42 11.05 13.56 -12.46
C GLN A 42 9.72 12.84 -12.71
N GLN A 43 9.31 12.81 -13.98
CA GLN A 43 8.03 12.22 -14.35
C GLN A 43 8.04 10.74 -14.05
N GLY A 44 7.15 10.28 -13.20
CA GLY A 44 7.19 8.89 -12.77
C GLY A 44 7.87 8.68 -11.44
N GLY A 45 8.67 9.65 -10.95
CA GLY A 45 9.23 9.57 -9.60
C GLY A 45 10.49 8.71 -9.52
N GLN A 46 10.89 8.40 -8.28
N GLN A 46 10.91 8.39 -8.30
CA GLN A 46 12.16 7.72 -8.04
CA GLN A 46 12.23 7.77 -8.16
C GLN A 46 12.24 6.40 -8.80
C GLN A 46 12.28 6.31 -8.61
N LEU A 47 11.13 5.65 -8.84
CA LEU A 47 11.20 4.31 -9.39
C LEU A 47 11.64 4.28 -10.84
N THR A 48 11.50 5.40 -11.56
CA THR A 48 11.96 5.41 -12.95
C THR A 48 13.48 5.24 -13.05
N THR A 49 14.22 5.36 -11.95
CA THR A 49 15.66 5.21 -11.92
C THR A 49 16.10 3.83 -11.45
N THR A 50 15.19 2.89 -11.18
CA THR A 50 15.61 1.53 -10.86
C THR A 50 15.15 0.58 -11.96
N THR A 51 15.94 -0.49 -12.21
CA THR A 51 15.68 -1.41 -13.32
C THR A 51 14.89 -2.65 -12.91
N GLU A 52 14.79 -2.91 -11.63
CA GLU A 52 14.25 -4.17 -11.12
C GLU A 52 13.40 -3.81 -9.92
N VAL A 53 12.12 -4.21 -9.93
CA VAL A 53 11.28 -4.08 -8.74
C VAL A 53 10.74 -5.46 -8.42
N GLU A 54 11.06 -5.96 -7.24
N GLU A 54 11.05 -5.95 -7.23
CA GLU A 54 10.73 -7.33 -6.90
CA GLU A 54 10.76 -7.34 -6.90
C GLU A 54 9.84 -7.45 -5.68
C GLU A 54 9.80 -7.45 -5.73
N ASN A 55 9.41 -6.33 -5.11
CA ASN A 55 8.57 -6.34 -3.92
C ASN A 55 7.33 -5.48 -4.12
N TRP A 56 6.89 -5.30 -5.37
CA TRP A 56 5.56 -4.75 -5.60
C TRP A 56 4.62 -5.96 -5.61
N PRO A 57 3.78 -6.12 -4.59
CA PRO A 57 3.13 -7.44 -4.36
C PRO A 57 2.21 -7.84 -5.50
N GLY A 58 2.36 -9.09 -5.95
CA GLY A 58 1.53 -9.55 -7.02
C GLY A 58 2.11 -9.33 -8.38
N ASP A 59 3.34 -8.82 -8.46
CA ASP A 59 3.74 -8.79 -9.85
C ASP A 59 4.70 -9.94 -10.17
N PRO A 60 4.58 -10.52 -11.37
CA PRO A 60 5.52 -11.58 -11.74
C PRO A 60 6.94 -11.04 -11.95
N GLU A 61 7.89 -11.94 -11.80
CA GLU A 61 9.29 -11.68 -12.11
C GLU A 61 9.45 -10.81 -13.34
N GLY A 62 10.37 -9.84 -13.28
CA GLY A 62 10.67 -9.04 -14.44
C GLY A 62 10.10 -7.63 -14.46
N LEU A 63 9.34 -7.23 -13.44
CA LEU A 63 8.87 -5.85 -13.34
C LEU A 63 10.05 -4.88 -13.25
N THR A 64 9.97 -3.78 -13.97
CA THR A 64 10.97 -2.72 -13.84
C THR A 64 10.26 -1.47 -13.33
N GLY A 65 11.06 -0.57 -12.76
CA GLY A 65 10.56 0.68 -12.25
C GLY A 65 9.80 1.48 -13.29
N PRO A 66 10.46 1.81 -14.40
CA PRO A 66 9.73 2.55 -15.46
C PRO A 66 8.50 1.81 -15.94
N GLY A 67 8.55 0.46 -15.97
CA GLY A 67 7.38 -0.31 -16.38
C GLY A 67 6.22 -0.16 -15.42
N LEU A 68 6.49 -0.18 -14.11
CA LEU A 68 5.40 0.01 -13.17
C LEU A 68 4.86 1.42 -13.27
N MET A 69 5.74 2.42 -13.41
CA MET A 69 5.29 3.80 -13.42
C MET A 69 4.61 4.18 -14.73
N ASP A 70 4.98 3.56 -15.86
CA ASP A 70 4.15 3.67 -17.05
C ASP A 70 2.75 3.15 -16.80
N ARG A 71 2.64 1.99 -16.16
CA ARG A 71 1.32 1.41 -15.88
C ARG A 71 0.49 2.32 -14.95
N MET A 72 1.14 2.93 -13.94
CA MET A 72 0.38 3.83 -13.05
C MET A 72 -0.15 5.03 -13.80
N LYS A 73 0.66 5.58 -14.70
CA LYS A 73 0.20 6.73 -15.48
C LYS A 73 -0.99 6.34 -16.38
N GLU A 74 -0.92 5.18 -17.05
CA GLU A 74 -2.05 4.77 -17.88
C GLU A 74 -3.31 4.62 -17.02
N HIS A 75 -3.13 4.10 -15.81
CA HIS A 75 -4.25 3.88 -14.91
C HIS A 75 -4.91 5.19 -14.56
N ALA A 76 -4.11 6.19 -14.21
CA ALA A 76 -4.65 7.52 -13.91
C ALA A 76 -5.31 8.13 -15.15
N GLU A 77 -4.71 7.91 -16.34
CA GLU A 77 -5.29 8.46 -17.58
C GLU A 77 -6.62 7.81 -17.92
N ARG A 78 -6.75 6.51 -17.67
CA ARG A 78 -7.97 5.79 -17.94
C ARG A 78 -9.14 6.43 -17.23
N PHE A 79 -8.92 6.92 -16.03
CA PHE A 79 -10.00 7.58 -15.32
C PHE A 79 -9.97 9.08 -15.54
N GLU A 80 -9.28 9.51 -16.59
CA GLU A 80 -9.33 10.89 -17.08
C GLU A 80 -8.72 11.90 -16.09
N THR A 81 -7.69 11.48 -15.37
CA THR A 81 -6.89 12.45 -14.63
C THR A 81 -6.27 13.43 -15.61
N GLU A 82 -6.24 14.71 -15.24
CA GLU A 82 -5.56 15.72 -16.06
C GLU A 82 -4.10 15.83 -15.60
N ILE A 83 -3.16 15.42 -16.42
CA ILE A 83 -1.74 15.32 -16.06
C ILE A 83 -0.98 16.43 -16.76
N ILE A 84 -0.25 17.23 -15.99
CA ILE A 84 0.36 18.46 -16.44
C ILE A 84 1.85 18.36 -16.17
N PHE A 85 2.66 18.48 -17.22
CA PHE A 85 4.12 18.50 -17.04
C PHE A 85 4.53 19.90 -16.59
N ASP A 86 4.72 20.05 -15.29
CA ASP A 86 5.10 21.32 -14.69
C ASP A 86 5.72 20.98 -13.35
N HIS A 87 6.20 22.01 -12.66
CA HIS A 87 6.94 21.85 -11.41
C HIS A 87 6.67 23.09 -10.57
N ILE A 88 6.25 22.89 -9.32
CA ILE A 88 5.85 24.02 -8.47
C ILE A 88 7.08 24.63 -7.80
N ASN A 89 7.32 25.93 -8.02
CA ASN A 89 8.43 26.56 -7.32
C ASN A 89 7.99 27.47 -6.18
N GLU A 90 6.68 27.69 -5.99
CA GLU A 90 6.26 28.59 -4.91
C GLU A 90 4.79 28.37 -4.63
N VAL A 91 4.42 28.44 -3.35
CA VAL A 91 3.02 28.21 -2.94
C VAL A 91 2.56 29.31 -1.99
N ASP A 92 1.25 29.50 -1.94
CA ASP A 92 0.63 30.37 -0.93
C ASP A 92 -0.54 29.62 -0.30
N PHE A 93 -0.37 29.22 0.94
CA PHE A 93 -1.39 28.48 1.67
C PHE A 93 -2.21 29.36 2.60
N SER A 94 -1.90 30.67 2.68
CA SER A 94 -2.66 31.54 3.58
C SER A 94 -3.99 31.99 2.96
N THR A 95 -4.21 31.68 1.70
CA THR A 95 -5.38 32.06 0.94
C THR A 95 -6.22 30.81 0.63
N ARG A 96 -7.52 31.02 0.41
CA ARG A 96 -8.39 29.95 -0.07
C ARG A 96 -9.19 30.46 -1.26
N PRO A 97 -9.11 29.79 -2.42
CA PRO A 97 -8.38 28.53 -2.63
C PRO A 97 -6.86 28.70 -2.57
N PHE A 98 -6.10 27.65 -2.27
CA PHE A 98 -4.63 27.74 -2.24
C PHE A 98 -4.11 28.05 -3.63
N VAL A 99 -2.96 28.72 -3.70
CA VAL A 99 -2.36 29.13 -4.96
C VAL A 99 -0.95 28.56 -5.04
N LEU A 100 -0.62 27.99 -6.20
CA LEU A 100 0.68 27.36 -6.44
C LEU A 100 1.21 27.87 -7.77
N LYS A 101 2.49 28.15 -7.82
CA LYS A 101 3.13 28.74 -9.00
C LYS A 101 4.09 27.72 -9.61
N GLY A 102 3.81 27.34 -10.85
CA GLY A 102 4.72 26.52 -11.62
C GLY A 102 5.65 27.39 -12.45
N ASP A 103 6.44 26.70 -13.27
N ASP A 103 6.31 26.75 -13.41
CA ASP A 103 7.24 27.39 -14.28
CA ASP A 103 7.37 27.45 -14.13
C ASP A 103 6.36 27.86 -15.41
C ASP A 103 6.85 28.62 -14.96
N ALA A 104 5.38 27.04 -15.78
N ALA A 104 5.66 28.50 -15.54
CA ALA A 104 4.33 27.40 -16.74
CA ALA A 104 5.06 29.60 -16.30
C ALA A 104 3.04 27.60 -15.97
C ALA A 104 3.66 29.96 -15.82
N ALA A 105 2.66 28.86 -15.73
N ALA A 105 2.83 28.99 -15.48
CA ALA A 105 1.36 29.26 -15.19
CA ALA A 105 1.43 29.18 -15.13
C ALA A 105 1.15 28.98 -13.71
C ALA A 105 1.19 29.01 -13.63
N SER A 106 0.10 29.59 -13.16
CA SER A 106 -0.33 29.49 -11.77
C SER A 106 -1.58 28.60 -11.64
N TYR A 107 -1.75 27.96 -10.46
CA TYR A 107 -2.83 27.01 -10.21
C TYR A 107 -3.47 27.32 -8.88
N SER A 108 -4.77 27.07 -8.76
CA SER A 108 -5.41 27.15 -7.45
C SER A 108 -6.24 25.88 -7.20
N CYS A 109 -6.49 25.60 -5.93
CA CYS A 109 -7.27 24.42 -5.62
C CYS A 109 -7.91 24.59 -4.24
N ASP A 110 -9.02 23.86 -4.05
CA ASP A 110 -9.69 23.82 -2.75
C ASP A 110 -9.05 22.80 -1.83
N ALA A 111 -8.56 21.70 -2.40
CA ALA A 111 -7.84 20.68 -1.64
C ALA A 111 -6.54 20.32 -2.37
N LEU A 112 -5.52 19.99 -1.58
CA LEU A 112 -4.18 19.70 -2.13
C LEU A 112 -3.64 18.41 -1.53
N ILE A 113 -3.11 17.56 -2.37
CA ILE A 113 -2.38 16.37 -1.94
C ILE A 113 -0.93 16.56 -2.37
N ILE A 114 -0.03 16.57 -1.39
CA ILE A 114 1.41 16.78 -1.60
C ILE A 114 2.06 15.41 -1.57
N SER A 115 2.67 14.99 -2.68
CA SER A 115 3.36 13.70 -2.73
C SER A 115 4.57 13.92 -3.62
N THR A 116 5.42 14.86 -3.19
CA THR A 116 6.57 15.30 -3.96
C THR A 116 7.83 14.49 -3.66
N GLY A 117 7.72 13.45 -2.83
CA GLY A 117 8.79 12.51 -2.74
C GLY A 117 10.05 13.06 -2.08
N ALA A 118 11.18 12.51 -2.51
CA ALA A 118 12.50 12.78 -1.95
C ALA A 118 13.55 12.71 -3.05
N SER A 119 14.65 13.45 -2.87
CA SER A 119 15.72 13.43 -3.87
C SER A 119 17.07 13.19 -3.19
N ALA A 120 18.04 12.79 -3.99
CA ALA A 120 19.30 12.25 -3.49
C ALA A 120 20.06 13.31 -2.68
N LYS A 121 20.59 12.91 -1.53
CA LYS A 121 21.50 13.74 -0.75
C LYS A 121 22.92 13.61 -1.30
N TYR A 122 23.67 14.68 -1.19
CA TYR A 122 25.10 14.69 -1.44
C TYR A 122 25.83 14.84 -0.10
N LEU A 123 27.10 14.46 -0.09
CA LEU A 123 27.88 14.59 1.15
C LEU A 123 28.11 16.05 1.53
N GLY A 124 28.18 16.94 0.55
CA GLY A 124 28.51 18.33 0.83
C GLY A 124 29.98 18.70 0.72
N LEU A 125 30.82 17.82 0.17
CA LEU A 125 32.23 18.19 0.00
C LEU A 125 32.38 19.18 -1.13
N GLU A 126 33.40 20.03 -0.99
CA GLU A 126 33.74 20.99 -2.04
C GLU A 126 34.11 20.31 -3.35
N SER A 127 34.96 19.28 -3.27
CA SER A 127 35.38 18.61 -4.50
C SER A 127 34.21 17.85 -5.13
N GLU A 128 33.37 17.25 -4.29
CA GLU A 128 32.17 16.57 -4.77
C GLU A 128 31.29 17.54 -5.55
N GLU A 129 31.03 18.73 -5.00
CA GLU A 129 30.30 19.73 -5.76
C GLU A 129 31.03 20.10 -7.04
N ALA A 130 32.35 20.26 -6.97
CA ALA A 130 33.07 20.74 -8.15
C ALA A 130 32.98 19.74 -9.31
N PHE A 131 32.82 18.45 -9.03
CA PHE A 131 32.87 17.46 -10.08
C PHE A 131 31.49 16.92 -10.48
N LYS A 132 30.40 17.49 -9.95
CA LYS A 132 29.07 17.11 -10.42
C LYS A 132 28.95 17.24 -11.93
N GLY A 133 28.32 16.26 -12.56
CA GLY A 133 28.22 16.24 -14.01
C GLY A 133 29.51 15.90 -14.72
N ARG A 134 30.63 15.79 -13.99
CA ARG A 134 31.92 15.44 -14.58
C ARG A 134 32.52 14.24 -13.88
N GLY A 135 31.65 13.38 -13.37
CA GLY A 135 32.07 12.11 -12.84
C GLY A 135 31.54 11.88 -11.44
N VAL A 136 30.97 12.91 -10.81
CA VAL A 136 30.13 12.74 -9.63
C VAL A 136 28.67 12.71 -10.07
N SER A 137 27.93 11.70 -9.61
CA SER A 137 26.55 11.48 -9.95
C SER A 137 25.84 10.92 -8.74
N ALA A 138 24.53 11.14 -8.68
CA ALA A 138 23.71 10.44 -7.70
C ALA A 138 22.71 9.50 -8.37
N CYS A 139 22.95 9.05 -9.60
CA CYS A 139 21.98 8.18 -10.26
C CYS A 139 22.66 7.20 -11.20
N ALA A 140 22.75 5.94 -10.80
CA ALA A 140 23.56 4.99 -11.55
C ALA A 140 22.95 4.66 -12.91
N THR A 141 21.62 4.51 -12.99
CA THR A 141 21.05 4.11 -14.27
C THR A 141 21.06 5.27 -15.26
N CYS A 142 21.02 6.51 -14.77
CA CYS A 142 21.19 7.66 -15.65
C CYS A 142 22.59 7.67 -16.30
N ASP A 143 23.66 7.44 -15.52
CA ASP A 143 25.04 7.70 -15.97
C ASP A 143 25.92 6.46 -16.13
N GLY A 144 25.47 5.29 -15.70
CA GLY A 144 26.37 4.16 -15.63
C GLY A 144 26.99 3.75 -16.96
N PHE A 145 26.24 3.88 -18.06
N PHE A 145 26.24 3.88 -18.06
CA PHE A 145 26.80 3.43 -19.33
CA PHE A 145 26.74 3.48 -19.37
C PHE A 145 28.04 4.22 -19.75
C PHE A 145 28.04 4.19 -19.72
N PHE A 146 28.23 5.42 -19.21
CA PHE A 146 29.42 6.23 -19.52
C PHE A 146 30.70 5.68 -18.94
N TYR A 147 30.60 4.68 -18.05
CA TYR A 147 31.74 4.10 -17.35
C TYR A 147 31.94 2.64 -17.75
N ARG A 148 31.41 2.26 -18.91
CA ARG A 148 31.65 0.99 -19.56
C ARG A 148 33.11 0.59 -19.39
N ASN A 149 33.37 -0.59 -18.81
CA ASN A 149 34.72 -1.16 -18.60
C ASN A 149 35.66 -0.22 -17.84
N GLN A 150 35.12 0.68 -17.03
N GLN A 150 35.13 0.72 -17.06
CA GLN A 150 35.93 1.54 -16.22
CA GLN A 150 35.93 1.61 -16.25
C GLN A 150 35.87 1.09 -14.76
C GLN A 150 35.79 1.19 -14.77
N LYS A 151 36.65 1.77 -13.94
CA LYS A 151 36.56 1.61 -12.49
C LYS A 151 35.71 2.75 -11.95
N VAL A 152 34.76 2.41 -11.06
CA VAL A 152 33.88 3.42 -10.47
C VAL A 152 33.77 3.18 -8.96
N ALA A 153 33.43 4.25 -8.23
CA ALA A 153 33.13 4.19 -6.80
C ALA A 153 31.63 4.42 -6.55
N VAL A 154 31.10 3.74 -5.53
CA VAL A 154 29.76 4.00 -5.00
C VAL A 154 29.93 4.26 -3.49
N VAL A 155 29.30 5.32 -2.99
CA VAL A 155 29.40 5.68 -1.54
C VAL A 155 28.03 5.48 -0.89
N GLY A 156 27.96 4.67 0.17
CA GLY A 156 26.68 4.49 0.87
C GLY A 156 26.50 3.06 1.33
N GLY A 157 25.55 2.80 2.24
CA GLY A 157 25.40 1.46 2.75
C GLY A 157 23.98 0.92 2.81
N GLY A 158 23.03 1.55 2.12
CA GLY A 158 21.64 1.15 2.17
C GLY A 158 21.23 0.42 0.91
N ASN A 159 19.90 0.25 0.76
CA ASN A 159 19.35 -0.42 -0.42
C ASN A 159 19.79 0.25 -1.72
N THR A 160 19.79 1.59 -1.75
CA THR A 160 20.14 2.28 -3.00
C THR A 160 21.60 2.03 -3.37
N ALA A 161 22.53 2.22 -2.42
CA ALA A 161 23.94 1.99 -2.74
C ALA A 161 24.20 0.54 -3.16
N VAL A 162 23.57 -0.44 -2.48
CA VAL A 162 23.86 -1.83 -2.82
C VAL A 162 23.28 -2.15 -4.20
N GLU A 163 22.07 -1.67 -4.50
N GLU A 163 22.08 -1.65 -4.50
CA GLU A 163 21.49 -1.90 -5.81
CA GLU A 163 21.52 -1.94 -5.82
C GLU A 163 22.33 -1.22 -6.90
C GLU A 163 22.27 -1.20 -6.91
N GLU A 164 22.81 -0.01 -6.62
CA GLU A 164 23.62 0.70 -7.62
C GLU A 164 24.95 0.00 -7.85
N ALA A 165 25.59 -0.49 -6.80
CA ALA A 165 26.82 -1.26 -7.00
C ALA A 165 26.54 -2.53 -7.81
N LEU A 166 25.43 -3.22 -7.56
CA LEU A 166 25.09 -4.40 -8.33
C LEU A 166 24.80 -4.06 -9.79
N TYR A 167 24.05 -2.99 -10.02
CA TYR A 167 23.75 -2.58 -11.39
C TYR A 167 25.03 -2.20 -12.14
N LEU A 168 25.89 -1.39 -11.51
CA LEU A 168 27.12 -0.97 -12.15
C LEU A 168 28.08 -2.15 -12.39
N SER A 169 28.00 -3.20 -11.57
N SER A 169 28.00 -3.20 -11.57
CA SER A 169 28.92 -4.32 -11.71
CA SER A 169 28.94 -4.30 -11.71
C SER A 169 28.81 -4.98 -13.08
C SER A 169 28.79 -5.03 -13.04
N ASN A 170 27.66 -4.86 -13.74
CA ASN A 170 27.53 -5.44 -15.08
C ASN A 170 28.04 -4.51 -16.17
N ILE A 171 28.42 -3.29 -15.85
CA ILE A 171 28.81 -2.31 -16.85
C ILE A 171 30.28 -1.96 -16.71
N ALA A 172 30.68 -1.57 -15.51
CA ALA A 172 32.02 -1.17 -15.19
C ALA A 172 32.91 -2.39 -15.07
N ALA A 173 34.23 -2.17 -15.20
CA ALA A 173 35.19 -3.23 -14.92
C ALA A 173 35.27 -3.54 -13.43
N GLU A 174 35.37 -2.51 -12.60
CA GLU A 174 35.40 -2.71 -11.16
C GLU A 174 34.48 -1.71 -10.47
N VAL A 175 33.79 -2.16 -9.43
CA VAL A 175 32.97 -1.30 -8.59
C VAL A 175 33.56 -1.29 -7.18
N HIS A 176 33.88 -0.13 -6.69
CA HIS A 176 34.43 0.08 -5.35
C HIS A 176 33.34 0.68 -4.47
N LEU A 177 32.77 -0.16 -3.62
CA LEU A 177 31.65 0.22 -2.76
C LEU A 177 32.20 0.67 -1.41
N ILE A 178 32.00 1.95 -1.08
CA ILE A 178 32.58 2.61 0.08
C ILE A 178 31.50 2.85 1.13
N HIS A 179 31.73 2.37 2.37
CA HIS A 179 30.71 2.49 3.42
C HIS A 179 31.41 2.66 4.77
N ARG A 180 30.82 3.50 5.63
CA ARG A 180 31.47 3.93 6.86
C ARG A 180 31.36 2.91 8.01
N ARG A 181 30.66 1.78 7.83
CA ARG A 181 30.61 0.70 8.82
C ARG A 181 30.94 -0.61 8.10
N ASP A 182 30.92 -1.73 8.83
CA ASP A 182 31.26 -2.99 8.21
C ASP A 182 30.04 -3.86 7.92
N SER A 183 28.82 -3.32 8.00
CA SER A 183 27.64 -4.04 7.58
C SER A 183 26.71 -3.07 6.89
N PHE A 184 25.82 -3.60 6.05
CA PHE A 184 24.96 -2.81 5.20
C PHE A 184 23.53 -2.87 5.74
N ARG A 185 22.73 -1.84 5.45
CA ARG A 185 21.35 -1.90 5.89
C ARG A 185 20.40 -2.26 4.75
N ALA A 186 20.91 -2.83 3.67
CA ALA A 186 20.07 -3.22 2.56
C ALA A 186 19.31 -4.54 2.87
N GLU A 187 18.27 -4.81 2.08
CA GLU A 187 17.55 -6.09 2.14
C GLU A 187 18.53 -7.27 2.11
N LYS A 188 18.25 -8.32 2.91
CA LYS A 188 19.21 -9.42 3.03
C LYS A 188 19.43 -10.12 1.69
N ILE A 189 18.39 -10.23 0.86
CA ILE A 189 18.56 -10.89 -0.43
C ILE A 189 19.52 -10.11 -1.34
N LEU A 190 19.50 -8.77 -1.26
CA LEU A 190 20.47 -7.93 -2.00
C LEU A 190 21.87 -8.05 -1.43
N ILE A 191 22.00 -8.18 -0.11
CA ILE A 191 23.31 -8.34 0.49
C ILE A 191 23.92 -9.69 0.09
N ASN A 192 23.09 -10.73 -0.05
CA ASN A 192 23.58 -12.01 -0.55
C ASN A 192 24.11 -11.88 -1.97
N ARG A 193 23.35 -11.19 -2.84
N ARG A 193 23.35 -11.20 -2.85
CA ARG A 193 23.84 -10.97 -4.21
CA ARG A 193 23.83 -10.96 -4.21
C ARG A 193 25.13 -10.15 -4.21
C ARG A 193 25.13 -10.16 -4.20
N LEU A 194 25.20 -9.13 -3.35
CA LEU A 194 26.42 -8.34 -3.28
C LEU A 194 27.60 -9.20 -2.85
N MET A 195 27.43 -10.06 -1.84
CA MET A 195 28.59 -10.80 -1.34
C MET A 195 29.08 -11.86 -2.33
N ASP A 196 28.17 -12.44 -3.12
CA ASP A 196 28.57 -13.30 -4.22
C ASP A 196 29.49 -12.57 -5.21
N LYS A 197 29.14 -11.33 -5.58
CA LYS A 197 30.00 -10.58 -6.49
C LYS A 197 31.25 -10.04 -5.82
N VAL A 198 31.26 -9.89 -4.50
CA VAL A 198 32.49 -9.55 -3.81
C VAL A 198 33.47 -10.73 -3.85
N GLN A 199 33.00 -11.93 -3.52
N GLN A 199 33.01 -11.94 -3.52
CA GLN A 199 33.92 -13.08 -3.45
CA GLN A 199 33.91 -13.09 -3.45
C GLN A 199 34.30 -13.59 -4.84
C GLN A 199 34.30 -13.59 -4.84
N ASN A 200 33.35 -13.62 -5.78
CA ASN A 200 33.59 -14.20 -7.09
C ASN A 200 33.51 -13.23 -8.26
N GLY A 201 33.36 -11.92 -8.02
CA GLY A 201 33.07 -11.02 -9.11
C GLY A 201 33.85 -9.73 -9.01
N ASN A 202 33.31 -8.64 -9.58
CA ASN A 202 34.09 -7.42 -9.74
C ASN A 202 33.69 -6.29 -8.76
N ILE A 203 33.11 -6.59 -7.61
CA ILE A 203 32.85 -5.57 -6.59
C ILE A 203 33.89 -5.70 -5.49
N VAL A 204 34.45 -4.57 -5.06
CA VAL A 204 35.41 -4.49 -3.96
C VAL A 204 34.80 -3.64 -2.84
N LEU A 205 34.78 -4.18 -1.63
CA LEU A 205 34.30 -3.49 -0.46
C LEU A 205 35.40 -2.64 0.16
N HIS A 206 35.06 -1.40 0.53
CA HIS A 206 35.90 -0.54 1.37
C HIS A 206 35.04 -0.15 2.57
N THR A 207 34.90 -1.08 3.49
CA THR A 207 34.14 -0.86 4.71
C THR A 207 34.98 -0.05 5.70
N ASP A 208 34.30 0.55 6.68
CA ASP A 208 34.96 1.47 7.62
C ASP A 208 35.70 2.58 6.89
N ARG A 209 35.13 3.08 5.79
CA ARG A 209 35.73 4.20 5.07
C ARG A 209 34.70 5.28 4.81
N VAL A 210 35.17 6.54 4.82
CA VAL A 210 34.38 7.64 4.30
C VAL A 210 35.13 8.28 3.14
N LEU A 211 34.36 8.89 2.24
CA LEU A 211 34.91 9.65 1.14
C LEU A 211 35.49 10.95 1.70
N ASP A 212 36.79 11.14 1.53
CA ASP A 212 37.45 12.32 2.09
C ASP A 212 37.57 13.43 1.05
N GLU A 213 37.80 13.07 -0.21
CA GLU A 213 37.89 14.08 -1.27
C GLU A 213 37.73 13.39 -2.61
N VAL A 214 37.04 14.06 -3.54
CA VAL A 214 36.99 13.61 -4.92
C VAL A 214 38.14 14.28 -5.65
N LEU A 215 38.91 13.48 -6.40
CA LEU A 215 40.10 13.93 -7.10
C LEU A 215 39.90 13.94 -8.59
N GLY A 216 40.54 14.87 -9.28
CA GLY A 216 40.41 14.73 -10.71
C GLY A 216 41.22 15.79 -11.42
N ASP A 217 41.13 15.76 -12.74
CA ASP A 217 41.88 16.69 -13.57
C ASP A 217 40.94 17.75 -14.16
N GLU A 218 41.39 18.44 -15.20
CA GLU A 218 40.57 19.51 -15.76
C GLU A 218 39.37 18.95 -16.52
N MET A 219 39.35 17.66 -16.85
CA MET A 219 38.17 17.11 -17.52
C MET A 219 37.19 16.40 -16.60
N GLY A 220 37.63 15.83 -15.48
CA GLY A 220 36.69 15.10 -14.65
C GLY A 220 37.41 14.24 -13.63
N VAL A 221 36.63 13.40 -12.96
CA VAL A 221 37.12 12.62 -11.84
C VAL A 221 38.19 11.63 -12.29
N THR A 222 39.30 11.55 -11.54
CA THR A 222 40.29 10.50 -11.72
C THR A 222 40.59 9.69 -10.47
N GLY A 223 40.06 10.06 -9.30
CA GLY A 223 40.24 9.24 -8.11
C GLY A 223 39.44 9.77 -6.95
N VAL A 224 39.54 9.05 -5.83
CA VAL A 224 38.92 9.48 -4.59
C VAL A 224 39.93 9.22 -3.48
N ARG A 225 39.91 10.06 -2.44
CA ARG A 225 40.66 9.76 -1.23
C ARG A 225 39.71 9.26 -0.17
N LEU A 226 39.97 8.07 0.36
CA LEU A 226 39.20 7.45 1.44
C LEU A 226 39.89 7.67 2.79
N LYS A 227 39.09 7.81 3.84
CA LYS A 227 39.61 7.95 5.21
C LYS A 227 39.08 6.81 6.07
N ASP A 228 39.98 6.17 6.81
CA ASP A 228 39.63 5.10 7.74
C ASP A 228 38.92 5.71 8.95
N VAL A 229 37.69 5.26 9.22
CA VAL A 229 36.90 5.88 10.29
C VAL A 229 37.46 5.60 11.69
N LYS A 230 38.34 4.60 11.84
CA LYS A 230 38.87 4.26 13.17
C LYS A 230 40.20 4.92 13.46
N THR A 231 41.09 4.97 12.47
CA THR A 231 42.44 5.49 12.64
C THR A 231 42.67 6.86 12.03
N GLY A 232 41.81 7.33 11.13
CA GLY A 232 42.08 8.59 10.44
C GLY A 232 43.10 8.53 9.32
N GLY A 233 43.70 7.38 9.04
CA GLY A 233 44.57 7.28 7.89
C GLY A 233 43.79 7.26 6.57
N THR A 234 44.50 7.59 5.49
CA THR A 234 43.86 7.75 4.19
C THR A 234 44.54 6.90 3.14
N GLU A 235 43.81 6.60 2.09
CA GLU A 235 44.32 5.90 0.93
C GLU A 235 43.63 6.50 -0.29
N GLU A 236 44.21 6.23 -1.45
CA GLU A 236 43.71 6.76 -2.72
C GLU A 236 43.31 5.63 -3.62
N LEU A 237 42.19 5.84 -4.32
CA LEU A 237 41.60 4.91 -5.27
C LEU A 237 41.52 5.61 -6.63
N ASP A 238 41.97 4.94 -7.69
CA ASP A 238 41.79 5.42 -9.05
C ASP A 238 40.43 4.97 -9.58
N VAL A 239 39.61 5.95 -9.95
CA VAL A 239 38.28 5.71 -10.50
C VAL A 239 37.99 6.82 -11.48
N MET A 240 37.14 6.53 -12.45
CA MET A 240 36.67 7.53 -13.40
C MET A 240 35.38 8.20 -12.96
N GLY A 241 34.65 7.59 -12.03
CA GLY A 241 33.37 8.15 -11.61
C GLY A 241 33.02 7.75 -10.19
N ALA A 242 32.28 8.63 -9.51
CA ALA A 242 31.86 8.42 -8.13
C ALA A 242 30.34 8.59 -8.05
N PHE A 243 29.64 7.54 -7.59
CA PHE A 243 28.20 7.58 -7.44
C PHE A 243 27.85 7.74 -5.95
N ILE A 244 27.06 8.75 -5.62
CA ILE A 244 26.76 9.06 -4.22
C ILE A 244 25.39 8.47 -3.94
N ALA A 245 25.31 7.58 -2.96
CA ALA A 245 24.06 6.90 -2.64
C ALA A 245 23.92 6.83 -1.11
N ILE A 246 23.82 7.99 -0.49
CA ILE A 246 23.76 8.08 0.96
C ILE A 246 22.36 8.44 1.45
N GLY A 247 21.33 8.15 0.66
CA GLY A 247 19.98 8.40 1.09
C GLY A 247 19.38 9.57 0.34
N HIS A 248 18.12 9.83 0.68
CA HIS A 248 17.34 10.85 0.00
C HIS A 248 16.77 11.81 1.04
N SER A 249 16.42 13.00 0.59
N SER A 249 16.41 12.99 0.59
CA SER A 249 15.87 14.02 1.45
CA SER A 249 15.85 13.97 1.49
C SER A 249 14.53 14.51 0.90
C SER A 249 14.53 14.48 0.91
N PRO A 250 13.52 14.68 1.76
CA PRO A 250 12.18 15.05 1.25
C PRO A 250 12.16 16.40 0.56
N ASN A 251 11.39 16.46 -0.54
CA ASN A 251 11.29 17.64 -1.42
C ASN A 251 10.23 18.59 -0.85
N THR A 252 10.61 19.33 0.20
CA THR A 252 9.67 20.14 0.97
C THR A 252 10.10 21.58 1.12
N GLN A 253 11.18 21.98 0.46
CA GLN A 253 11.71 23.33 0.62
C GLN A 253 10.63 24.38 0.35
N ILE A 254 9.80 24.18 -0.69
CA ILE A 254 8.82 25.19 -1.04
C ILE A 254 7.71 25.34 -0.01
N PHE A 255 7.59 24.42 0.94
CA PHE A 255 6.54 24.47 1.95
C PHE A 255 7.01 25.04 3.28
N GLN A 256 8.32 25.27 3.41
CA GLN A 256 8.91 25.75 4.66
C GLN A 256 8.17 26.99 5.14
N GLY A 257 7.78 26.96 6.42
CA GLY A 257 7.05 28.03 7.04
C GLY A 257 5.57 27.96 6.85
N GLN A 258 5.06 27.11 5.97
CA GLN A 258 3.62 27.04 5.80
C GLN A 258 3.01 25.70 6.23
N LEU A 259 3.82 24.67 6.47
CA LEU A 259 3.30 23.43 7.03
C LEU A 259 4.20 23.03 8.19
N ASP A 260 3.62 22.43 9.22
CA ASP A 260 4.48 21.88 10.27
C ASP A 260 5.33 20.78 9.66
N MET A 261 6.63 20.84 9.93
CA MET A 261 7.58 19.89 9.40
C MET A 261 8.59 19.54 10.49
N LYS A 262 9.24 18.39 10.33
CA LYS A 262 10.28 17.96 11.26
C LYS A 262 11.35 17.25 10.46
N ASP A 263 12.56 17.81 10.46
CA ASP A 263 13.65 17.33 9.60
C ASP A 263 13.29 17.33 8.13
N GLY A 264 12.47 18.27 7.70
CA GLY A 264 12.12 18.31 6.30
C GLY A 264 10.91 17.47 5.91
N TYR A 265 10.50 16.53 6.76
CA TYR A 265 9.30 15.72 6.53
C TYR A 265 8.04 16.49 6.94
N ILE A 266 7.01 16.41 6.09
CA ILE A 266 5.73 17.02 6.39
C ILE A 266 5.04 16.19 7.46
N LEU A 267 4.61 16.84 8.55
CA LEU A 267 3.89 16.14 9.60
C LEU A 267 2.42 15.99 9.25
N VAL A 268 1.83 14.85 9.60
CA VAL A 268 0.44 14.59 9.32
C VAL A 268 -0.16 14.04 10.60
N LYS A 269 -1.51 14.05 10.63
CA LYS A 269 -2.24 13.62 11.82
C LYS A 269 -1.91 12.19 12.21
N SER A 270 -1.83 11.28 11.23
CA SER A 270 -1.63 9.86 11.50
C SER A 270 -2.76 9.32 12.38
N GLY A 271 -2.52 8.19 13.07
CA GLY A 271 -3.55 7.69 13.97
C GLY A 271 -4.57 6.77 13.32
N LEU A 272 -5.52 6.33 14.14
CA LEU A 272 -6.42 5.23 13.80
C LEU A 272 -7.84 5.69 13.56
N GLU A 273 -8.08 6.99 13.56
CA GLU A 273 -9.43 7.52 13.54
C GLU A 273 -9.76 8.22 12.23
N GLY A 274 -8.95 8.03 11.18
CA GLY A 274 -9.23 8.69 9.94
C GLY A 274 -8.53 10.04 9.83
N ASN A 275 -8.63 10.62 8.62
CA ASN A 275 -7.96 11.87 8.32
C ASN A 275 -6.47 11.79 8.57
N ALA A 276 -5.89 10.57 8.43
CA ALA A 276 -4.51 10.34 8.84
C ALA A 276 -3.50 11.13 8.00
N THR A 277 -3.83 11.54 6.77
CA THR A 277 -2.83 12.26 5.95
C THR A 277 -2.95 13.77 6.05
N GLN A 278 -3.87 14.28 6.87
CA GLN A 278 -4.06 15.72 7.05
C GLN A 278 -2.81 16.37 7.63
N THR A 279 -2.28 17.39 6.94
CA THR A 279 -1.19 18.22 7.45
C THR A 279 -1.74 19.22 8.47
N SER A 280 -0.91 20.21 8.84
CA SER A 280 -1.34 21.24 9.79
C SER A 280 -2.25 22.27 9.15
N VAL A 281 -2.46 22.22 7.84
CA VAL A 281 -3.39 23.12 7.16
C VAL A 281 -4.58 22.30 6.68
N GLU A 282 -5.80 22.72 7.06
CA GLU A 282 -7.01 22.03 6.67
C GLU A 282 -7.14 22.02 5.16
N GLY A 283 -7.43 20.85 4.59
CA GLY A 283 -7.55 20.73 3.14
C GLY A 283 -6.25 20.42 2.42
N ILE A 284 -5.14 20.34 3.13
CA ILE A 284 -3.84 19.95 2.56
C ILE A 284 -3.43 18.62 3.19
N PHE A 285 -3.14 17.64 2.33
CA PHE A 285 -2.83 16.27 2.71
C PHE A 285 -1.48 15.88 2.11
N ALA A 286 -0.78 14.96 2.77
CA ALA A 286 0.54 14.56 2.30
C ALA A 286 0.62 13.05 2.30
N ALA A 287 1.32 12.49 1.32
CA ALA A 287 1.45 11.05 1.15
C ALA A 287 2.80 10.72 0.54
N GLY A 288 3.30 9.53 0.83
CA GLY A 288 4.52 9.01 0.23
C GLY A 288 5.76 9.40 1.03
N ASP A 289 6.92 9.43 0.33
CA ASP A 289 8.20 9.67 0.98
C ASP A 289 8.32 11.07 1.57
N VAL A 290 7.49 12.02 1.15
CA VAL A 290 7.51 13.36 1.76
C VAL A 290 7.07 13.33 3.24
N MET A 291 6.41 12.29 3.67
CA MET A 291 5.93 12.27 5.05
C MET A 291 6.28 10.98 5.78
N ASP A 292 7.16 10.16 5.22
CA ASP A 292 7.45 8.86 5.83
C ASP A 292 8.97 8.74 5.89
N HIS A 293 9.55 8.78 7.09
CA HIS A 293 10.99 8.58 7.17
C HIS A 293 11.35 7.20 7.64
N ASN A 294 10.40 6.26 7.64
CA ASN A 294 10.66 4.95 8.25
C ASN A 294 10.53 3.79 7.29
N TYR A 295 9.55 3.80 6.39
CA TYR A 295 9.32 2.63 5.54
C TYR A 295 9.78 2.85 4.11
N ARG A 296 9.23 3.87 3.42
CA ARG A 296 9.85 4.39 2.18
C ARG A 296 9.89 3.35 1.05
N GLN A 297 8.80 2.62 0.88
CA GLN A 297 8.67 1.70 -0.23
C GLN A 297 7.59 2.20 -1.18
N ALA A 298 7.61 1.64 -2.37
CA ALA A 298 6.57 1.95 -3.34
C ALA A 298 5.18 1.57 -2.82
N ILE A 299 5.08 0.38 -2.19
CA ILE A 299 3.75 -0.13 -1.79
C ILE A 299 3.18 0.69 -0.63
N THR A 300 4.04 1.14 0.30
CA THR A 300 3.55 1.99 1.38
C THR A 300 3.21 3.40 0.86
N SER A 301 3.98 3.92 -0.12
CA SER A 301 3.66 5.19 -0.75
C SER A 301 2.31 5.14 -1.47
N ALA A 302 2.08 4.07 -2.23
CA ALA A 302 0.78 3.87 -2.88
C ALA A 302 -0.34 3.83 -1.84
N GLY A 303 -0.15 3.06 -0.76
CA GLY A 303 -1.18 3.02 0.28
C GLY A 303 -1.52 4.39 0.86
N THR A 304 -0.50 5.21 1.16
N THR A 304 -0.49 5.21 1.13
CA THR A 304 -0.86 6.51 1.73
CA THR A 304 -0.76 6.52 1.70
C THR A 304 -1.36 7.50 0.68
C THR A 304 -1.38 7.46 0.68
N GLY A 305 -1.01 7.32 -0.60
CA GLY A 305 -1.68 8.09 -1.66
C GLY A 305 -3.16 7.77 -1.75
N CYS A 306 -3.53 6.49 -1.54
CA CYS A 306 -4.93 6.14 -1.47
C CYS A 306 -5.61 6.84 -0.31
N MET A 307 -4.96 6.83 0.85
CA MET A 307 -5.57 7.44 2.04
C MET A 307 -5.74 8.92 1.84
N ALA A 308 -4.74 9.57 1.21
CA ALA A 308 -4.81 11.01 0.99
C ALA A 308 -5.98 11.36 0.07
N ALA A 309 -6.25 10.53 -0.96
CA ALA A 309 -7.41 10.79 -1.83
C ALA A 309 -8.73 10.65 -1.08
N LEU A 310 -8.84 9.66 -0.19
CA LEU A 310 -10.08 9.49 0.55
C LEU A 310 -10.25 10.56 1.62
N ASP A 311 -9.16 10.98 2.27
CA ASP A 311 -9.24 12.13 3.16
C ASP A 311 -9.69 13.38 2.41
N ALA A 312 -9.13 13.63 1.22
CA ALA A 312 -9.50 14.86 0.53
C ALA A 312 -10.96 14.84 0.11
N GLU A 313 -11.45 13.67 -0.32
CA GLU A 313 -12.85 13.56 -0.74
C GLU A 313 -13.80 13.88 0.40
N ARG A 314 -13.52 13.35 1.60
N ARG A 314 -13.52 13.34 1.59
CA ARG A 314 -14.32 13.70 2.76
CA ARG A 314 -14.30 13.69 2.78
C ARG A 314 -14.23 15.19 3.06
C ARG A 314 -14.23 15.18 3.04
N TYR A 315 -13.03 15.77 2.95
CA TYR A 315 -12.89 17.20 3.17
C TYR A 315 -13.75 17.99 2.18
N LEU A 316 -13.64 17.66 0.88
CA LEU A 316 -14.36 18.42 -0.13
C LEU A 316 -15.88 18.28 0.07
N ASP A 317 -16.33 17.08 0.41
N ASP A 317 -16.34 17.07 0.38
CA ASP A 317 -17.74 16.84 0.72
CA ASP A 317 -17.75 16.86 0.71
C ASP A 317 -18.21 17.68 1.90
C ASP A 317 -18.19 17.75 1.87
N SER A 318 -17.35 17.88 2.91
CA SER A 318 -17.75 18.67 4.07
C SER A 318 -17.98 20.15 3.75
N LEU A 319 -17.42 20.68 2.67
CA LEU A 319 -17.64 22.08 2.31
C LEU A 319 -19.09 22.38 1.97
N ASN A 320 -19.92 21.37 1.71
CA ASN A 320 -21.34 21.56 1.51
C ASN A 320 -22.10 20.28 1.89
N ASN B 2 -3.28 -36.45 13.64
CA ASN B 2 -3.44 -35.59 14.81
C ASN B 2 -2.24 -35.76 15.75
N ALA B 3 -1.63 -34.64 16.16
CA ALA B 3 -0.37 -34.60 16.93
C ALA B 3 -0.58 -34.02 18.33
N MET B 4 0.43 -34.19 19.18
CA MET B 4 0.36 -33.84 20.62
C MET B 4 1.27 -32.66 20.93
N SER B 5 0.92 -31.48 20.41
CA SER B 5 1.67 -30.25 20.68
C SER B 5 3.16 -30.43 20.41
N ASP B 6 3.48 -31.22 19.39
CA ASP B 6 4.79 -31.18 18.75
C ASP B 6 4.81 -29.93 17.86
N MET B 7 4.77 -28.79 18.55
CA MET B 7 4.49 -27.53 17.91
C MET B 7 5.50 -27.22 16.81
N LYS B 8 5.00 -26.78 15.66
CA LYS B 8 5.86 -26.19 14.65
C LYS B 8 6.27 -24.79 15.11
N HIS B 9 7.55 -24.59 15.33
CA HIS B 9 8.07 -23.28 15.68
C HIS B 9 8.62 -22.58 14.45
N SER B 10 8.36 -21.28 14.34
CA SER B 10 9.06 -20.46 13.36
C SER B 10 9.34 -19.10 13.97
N LYS B 11 10.39 -18.45 13.43
CA LYS B 11 10.74 -17.11 13.88
C LYS B 11 9.56 -16.16 13.66
N LEU B 12 8.98 -16.21 12.47
CA LEU B 12 7.91 -15.32 12.10
C LEU B 12 6.72 -16.12 11.59
N LEU B 13 5.55 -15.88 12.18
CA LEU B 13 4.29 -16.42 11.70
C LEU B 13 3.38 -15.28 11.23
N ILE B 14 2.73 -15.47 10.09
CA ILE B 14 1.79 -14.53 9.50
C ILE B 14 0.44 -15.22 9.44
N LEU B 15 -0.57 -14.59 10.02
CA LEU B 15 -1.94 -15.11 9.92
C LEU B 15 -2.68 -14.35 8.84
N GLY B 16 -3.05 -15.04 7.77
CA GLY B 16 -3.98 -14.51 6.80
C GLY B 16 -3.41 -14.55 5.40
N SER B 17 -4.23 -14.89 4.41
CA SER B 17 -3.80 -14.92 3.01
C SER B 17 -4.50 -13.89 2.14
N GLY B 18 -4.75 -12.70 2.70
CA GLY B 18 -5.23 -11.58 1.91
C GLY B 18 -4.04 -10.74 1.45
N PRO B 19 -4.31 -9.55 0.90
CA PRO B 19 -3.20 -8.70 0.44
C PRO B 19 -2.27 -8.26 1.55
N ALA B 20 -2.74 -8.11 2.80
CA ALA B 20 -1.82 -7.73 3.86
C ALA B 20 -0.88 -8.88 4.21
N GLY B 21 -1.43 -10.07 4.42
CA GLY B 21 -0.60 -11.22 4.75
C GLY B 21 0.42 -11.57 3.68
N TYR B 22 0.00 -11.59 2.41
CA TYR B 22 0.92 -11.94 1.31
C TYR B 22 1.95 -10.83 1.05
N THR B 23 1.59 -9.55 1.19
CA THR B 23 2.63 -8.53 1.12
C THR B 23 3.63 -8.67 2.26
N ALA B 24 3.15 -8.90 3.49
CA ALA B 24 4.05 -9.16 4.61
C ALA B 24 5.00 -10.31 4.30
N ALA B 25 4.48 -11.38 3.66
CA ALA B 25 5.32 -12.54 3.34
C ALA B 25 6.40 -12.18 2.33
N VAL B 26 6.03 -11.45 1.28
CA VAL B 26 7.03 -11.06 0.30
C VAL B 26 8.16 -10.30 0.97
N TYR B 27 7.83 -9.33 1.82
CA TYR B 27 8.90 -8.54 2.44
C TYR B 27 9.68 -9.38 3.45
N ALA B 28 8.99 -10.20 4.24
CA ALA B 28 9.70 -10.99 5.23
C ALA B 28 10.60 -12.04 4.59
N ALA B 29 10.16 -12.64 3.48
CA ALA B 29 11.04 -13.62 2.83
C ALA B 29 12.29 -12.96 2.26
N ARG B 30 12.14 -11.79 1.62
CA ARG B 30 13.33 -11.09 1.13
C ARG B 30 14.26 -10.64 2.24
N ALA B 31 13.78 -10.57 3.49
CA ALA B 31 14.57 -10.23 4.66
C ALA B 31 15.14 -11.47 5.34
N ASN B 32 15.07 -12.61 4.66
CA ASN B 32 15.64 -13.86 5.13
C ASN B 32 14.95 -14.34 6.43
N LEU B 33 13.68 -13.97 6.66
CA LEU B 33 13.00 -14.43 7.87
C LEU B 33 12.31 -15.79 7.74
N ASN B 34 12.33 -16.44 6.56
CA ASN B 34 11.65 -17.71 6.30
C ASN B 34 10.22 -17.71 6.86
N PRO B 35 9.37 -16.79 6.40
CA PRO B 35 8.04 -16.66 7.00
C PRO B 35 7.17 -17.91 6.79
N VAL B 36 6.38 -18.23 7.79
CA VAL B 36 5.31 -19.20 7.70
C VAL B 36 3.98 -18.44 7.71
N LEU B 37 3.10 -18.76 6.76
CA LEU B 37 1.83 -18.05 6.61
C LEU B 37 0.68 -19.06 6.71
N ILE B 38 -0.24 -18.81 7.62
CA ILE B 38 -1.47 -19.60 7.75
C ILE B 38 -2.55 -18.90 6.93
N THR B 39 -3.16 -19.61 5.97
CA THR B 39 -4.07 -18.97 5.01
C THR B 39 -5.41 -18.57 5.64
N GLY B 40 -5.85 -19.29 6.68
CA GLY B 40 -7.22 -19.19 7.14
C GLY B 40 -8.15 -19.94 6.21
N MET B 41 -9.45 -19.85 6.53
N MET B 41 -9.45 -19.85 6.53
CA MET B 41 -10.47 -20.59 5.77
CA MET B 41 -10.47 -20.58 5.77
C MET B 41 -10.81 -19.95 4.43
C MET B 41 -10.77 -19.95 4.41
N GLN B 42 -10.58 -18.64 4.26
CA GLN B 42 -10.86 -17.95 3.00
C GLN B 42 -9.53 -17.68 2.31
N GLN B 43 -9.08 -18.63 1.50
CA GLN B 43 -7.72 -18.54 0.98
C GLN B 43 -7.67 -17.44 -0.06
N GLY B 44 -6.81 -16.47 0.11
CA GLY B 44 -6.83 -15.33 -0.78
C GLY B 44 -7.65 -14.17 -0.25
N GLY B 45 -8.47 -14.39 0.79
CA GLY B 45 -9.13 -13.26 1.47
C GLY B 45 -10.36 -12.74 0.73
N GLN B 46 -10.81 -11.54 1.16
CA GLN B 46 -12.10 -10.98 0.71
C GLN B 46 -12.15 -10.69 -0.79
N LEU B 47 -11.03 -10.30 -1.40
CA LEU B 47 -11.04 -10.04 -2.83
C LEU B 47 -11.45 -11.26 -3.64
N THR B 48 -11.33 -12.47 -3.09
CA THR B 48 -11.64 -13.61 -3.94
C THR B 48 -13.13 -13.71 -4.25
N THR B 49 -13.97 -12.89 -3.62
CA THR B 49 -15.39 -12.88 -3.93
C THR B 49 -15.83 -11.68 -4.77
N THR B 50 -14.91 -10.89 -5.32
CA THR B 50 -15.32 -9.82 -6.21
C THR B 50 -14.81 -10.11 -7.62
N THR B 51 -15.48 -9.55 -8.62
CA THR B 51 -15.15 -9.88 -10.02
C THR B 51 -14.33 -8.81 -10.74
N GLU B 52 -14.25 -7.60 -10.22
CA GLU B 52 -13.48 -6.58 -10.92
C GLU B 52 -12.84 -5.73 -9.85
N VAL B 53 -11.56 -5.46 -10.05
CA VAL B 53 -10.79 -4.56 -9.19
C VAL B 53 -10.24 -3.52 -10.14
N GLU B 54 -10.63 -2.27 -9.96
CA GLU B 54 -10.20 -1.25 -10.86
C GLU B 54 -9.37 -0.18 -10.17
N ASN B 55 -9.12 -0.33 -8.87
CA ASN B 55 -8.36 0.65 -8.10
C ASN B 55 -7.14 0.01 -7.43
N TRP B 56 -6.61 -1.08 -8.02
CA TRP B 56 -5.30 -1.59 -7.66
C TRP B 56 -4.30 -0.87 -8.56
N PRO B 57 -3.48 0.07 -8.05
CA PRO B 57 -2.81 1.06 -8.94
C PRO B 57 -1.77 0.39 -9.82
N GLY B 58 -1.80 0.72 -11.12
CA GLY B 58 -0.88 0.11 -12.06
C GLY B 58 -1.44 -1.11 -12.78
N ASP B 59 -2.68 -1.49 -12.51
CA ASP B 59 -3.09 -2.61 -13.35
C ASP B 59 -3.99 -2.16 -14.49
N PRO B 60 -3.76 -2.66 -15.70
CA PRO B 60 -4.70 -2.44 -16.80
C PRO B 60 -6.09 -2.99 -16.49
N GLU B 61 -7.08 -2.38 -17.15
CA GLU B 61 -8.43 -2.90 -17.25
C GLU B 61 -8.42 -4.42 -17.32
N GLY B 62 -9.35 -5.05 -16.61
CA GLY B 62 -9.48 -6.49 -16.65
C GLY B 62 -9.01 -7.23 -15.42
N LEU B 63 -8.47 -6.57 -14.40
CA LEU B 63 -8.09 -7.29 -13.19
C LEU B 63 -9.32 -7.82 -12.48
N THR B 64 -9.25 -9.05 -12.01
CA THR B 64 -10.27 -9.51 -11.07
C THR B 64 -9.65 -9.75 -9.70
N GLY B 65 -10.53 -9.92 -8.71
CA GLY B 65 -10.12 -10.21 -7.36
C GLY B 65 -9.34 -11.50 -7.28
N PRO B 66 -9.94 -12.59 -7.76
CA PRO B 66 -9.20 -13.86 -7.80
C PRO B 66 -7.89 -13.74 -8.56
N GLY B 67 -7.87 -12.98 -9.65
CA GLY B 67 -6.63 -12.83 -10.42
C GLY B 67 -5.51 -12.18 -9.63
N LEU B 68 -5.83 -11.07 -8.93
CA LEU B 68 -4.80 -10.42 -8.12
C LEU B 68 -4.28 -11.35 -7.04
N MET B 69 -5.19 -12.03 -6.35
CA MET B 69 -4.75 -12.87 -5.20
C MET B 69 -4.01 -14.14 -5.65
N ASP B 70 -4.31 -14.68 -6.83
CA ASP B 70 -3.45 -15.72 -7.40
C ASP B 70 -2.03 -15.17 -7.62
N ARG B 71 -1.91 -13.97 -8.19
CA ARG B 71 -0.60 -13.34 -8.37
C ARG B 71 0.12 -13.14 -7.03
N MET B 72 -0.62 -12.68 -6.03
CA MET B 72 0.02 -12.46 -4.73
C MET B 72 0.53 -13.77 -4.14
N LYS B 73 -0.23 -14.84 -4.29
CA LYS B 73 0.24 -16.12 -3.75
C LYS B 73 1.50 -16.59 -4.50
N GLU B 74 1.49 -16.47 -5.84
CA GLU B 74 2.66 -16.83 -6.66
C GLU B 74 3.88 -16.05 -6.23
N HIS B 75 3.69 -14.76 -5.93
CA HIS B 75 4.80 -13.90 -5.50
C HIS B 75 5.38 -14.37 -4.16
N ALA B 76 4.53 -14.62 -3.15
CA ALA B 76 5.04 -15.14 -1.89
C ALA B 76 5.75 -16.49 -2.08
N GLU B 77 5.18 -17.36 -2.92
CA GLU B 77 5.79 -18.68 -3.19
C GLU B 77 7.15 -18.55 -3.87
N ARG B 78 7.30 -17.58 -4.79
CA ARG B 78 8.56 -17.34 -5.47
C ARG B 78 9.71 -17.09 -4.49
N PHE B 79 9.42 -16.47 -3.35
CA PHE B 79 10.44 -16.24 -2.36
C PHE B 79 10.38 -17.29 -1.26
N GLU B 80 9.68 -18.40 -1.53
CA GLU B 80 9.72 -19.61 -0.71
C GLU B 80 9.02 -19.41 0.63
N THR B 81 8.00 -18.56 0.65
CA THR B 81 7.10 -18.54 1.79
C THR B 81 6.51 -19.94 1.99
N GLU B 82 6.50 -20.42 3.24
CA GLU B 82 5.84 -21.67 3.60
C GLU B 82 4.37 -21.39 3.93
N ILE B 83 3.47 -21.84 3.07
CA ILE B 83 2.06 -21.50 3.16
C ILE B 83 1.32 -22.74 3.63
N ILE B 84 0.57 -22.62 4.73
CA ILE B 84 -0.12 -23.72 5.37
C ILE B 84 -1.61 -23.41 5.38
N PHE B 85 -2.40 -24.34 4.86
CA PHE B 85 -3.87 -24.32 4.91
C PHE B 85 -4.34 -24.72 6.30
N ASP B 86 -4.55 -23.75 7.17
CA ASP B 86 -5.11 -24.00 8.48
C ASP B 86 -5.88 -22.77 8.92
N HIS B 87 -6.44 -22.83 10.12
CA HIS B 87 -7.23 -21.73 10.64
C HIS B 87 -7.04 -21.73 12.17
N ILE B 88 -6.66 -20.58 12.73
CA ILE B 88 -6.33 -20.52 14.16
C ILE B 88 -7.61 -20.36 14.96
N ASN B 89 -7.82 -21.23 15.96
CA ASN B 89 -9.04 -21.14 16.76
C ASN B 89 -8.77 -20.73 18.20
N GLU B 90 -7.51 -20.66 18.64
CA GLU B 90 -7.20 -20.25 20.00
C GLU B 90 -5.73 -19.82 20.05
N VAL B 91 -5.43 -18.83 20.91
CA VAL B 91 -4.06 -18.35 21.04
C VAL B 91 -3.73 -18.13 22.50
N ASP B 92 -2.44 -18.15 22.80
CA ASP B 92 -1.89 -17.82 24.10
C ASP B 92 -0.72 -16.85 23.89
N PHE B 93 -0.94 -15.57 24.22
CA PHE B 93 0.08 -14.54 24.06
C PHE B 93 0.73 -14.17 25.39
N SER B 94 0.39 -14.86 26.49
CA SER B 94 0.93 -14.59 27.80
C SER B 94 2.31 -15.20 28.00
N THR B 95 2.77 -15.97 27.03
CA THR B 95 3.93 -16.82 27.11
C THR B 95 4.79 -16.56 25.88
N ARG B 96 6.10 -16.72 26.01
CA ARG B 96 7.02 -16.67 24.89
C ARG B 96 7.75 -18.01 24.75
N PRO B 97 7.79 -18.61 23.56
CA PRO B 97 7.18 -18.11 22.34
C PRO B 97 5.65 -18.12 22.37
N PHE B 98 5.06 -17.31 21.49
CA PHE B 98 3.61 -17.26 21.36
C PHE B 98 3.06 -18.58 20.82
N VAL B 99 1.88 -18.98 21.29
CA VAL B 99 1.31 -20.27 20.91
C VAL B 99 -0.03 -20.08 20.24
N LEU B 100 -0.20 -20.68 19.06
CA LEU B 100 -1.44 -20.58 18.30
C LEU B 100 -1.91 -21.97 17.93
N LYS B 101 -3.16 -22.27 18.26
CA LYS B 101 -3.75 -23.58 18.00
C LYS B 101 -4.66 -23.51 16.78
N GLY B 102 -4.34 -24.30 15.75
CA GLY B 102 -5.18 -24.46 14.58
C GLY B 102 -5.95 -25.76 14.61
N ASP B 103 -6.71 -26.00 13.53
N ASP B 103 -6.73 -26.02 13.55
CA ASP B 103 -7.50 -27.22 13.43
CA ASP B 103 -7.46 -27.28 13.54
C ASP B 103 -6.64 -28.41 13.05
C ASP B 103 -6.57 -28.44 13.12
N ALA B 104 -5.52 -28.17 12.35
CA ALA B 104 -4.61 -29.23 11.94
C ALA B 104 -3.45 -29.41 12.90
N ALA B 105 -2.87 -28.33 13.42
CA ALA B 105 -1.69 -28.40 14.27
C ALA B 105 -1.65 -27.19 15.19
N SER B 106 -0.68 -27.18 16.09
CA SER B 106 -0.38 -25.99 16.86
C SER B 106 0.93 -25.39 16.36
N TYR B 107 1.08 -24.07 16.58
CA TYR B 107 2.20 -23.31 16.04
C TYR B 107 2.76 -22.43 17.14
N SER B 108 4.04 -22.13 17.02
N SER B 108 4.06 -22.20 17.10
CA SER B 108 4.75 -21.28 17.94
CA SER B 108 4.70 -21.24 17.98
C SER B 108 5.64 -20.32 17.15
C SER B 108 5.57 -20.31 17.15
N CYS B 109 5.81 -19.09 17.66
CA CYS B 109 6.61 -18.10 16.94
C CYS B 109 7.21 -17.07 17.89
N ASP B 110 8.28 -16.41 17.42
CA ASP B 110 8.91 -15.31 18.16
C ASP B 110 8.35 -13.96 17.78
N ALA B 111 7.85 -13.82 16.56
CA ALA B 111 7.16 -12.64 16.09
C ALA B 111 5.94 -13.10 15.33
N LEU B 112 4.86 -12.33 15.46
CA LEU B 112 3.58 -12.66 14.84
C LEU B 112 3.03 -11.44 14.10
N ILE B 113 2.61 -11.63 12.85
CA ILE B 113 1.87 -10.61 12.10
C ILE B 113 0.42 -11.09 11.99
N ILE B 114 -0.52 -10.34 12.55
CA ILE B 114 -1.94 -10.70 12.49
C ILE B 114 -2.55 -9.94 11.31
N SER B 115 -3.00 -10.65 10.28
CA SER B 115 -3.68 -9.96 9.20
C SER B 115 -4.90 -10.78 8.83
N THR B 116 -5.78 -10.94 9.83
CA THR B 116 -6.94 -11.83 9.68
C THR B 116 -8.14 -11.13 9.08
N GLY B 117 -8.00 -9.88 8.63
CA GLY B 117 -9.02 -9.31 7.78
C GLY B 117 -10.34 -9.24 8.52
N ALA B 118 -11.43 -9.47 7.78
CA ALA B 118 -12.80 -9.20 8.24
C ALA B 118 -13.74 -10.11 7.47
N SER B 119 -14.87 -10.43 8.12
CA SER B 119 -15.92 -11.31 7.59
C SER B 119 -17.22 -10.54 7.48
N ALA B 120 -18.10 -10.98 6.59
CA ALA B 120 -19.37 -10.31 6.35
C ALA B 120 -20.22 -10.32 7.63
N LYS B 121 -20.81 -9.17 7.94
CA LYS B 121 -21.73 -8.99 9.07
C LYS B 121 -23.16 -9.35 8.67
N TYR B 122 -23.92 -9.90 9.61
CA TYR B 122 -25.35 -10.15 9.40
C TYR B 122 -26.19 -9.24 10.28
N LEU B 123 -27.46 -9.09 9.94
CA LEU B 123 -28.29 -8.23 10.77
C LEU B 123 -28.51 -8.83 12.15
N GLY B 124 -28.39 -10.13 12.29
CA GLY B 124 -28.69 -10.73 13.59
C GLY B 124 -30.16 -11.05 13.80
N LEU B 125 -30.95 -11.21 12.73
CA LEU B 125 -32.35 -11.55 12.88
C LEU B 125 -32.54 -13.07 12.94
N GLU B 126 -33.48 -13.48 13.81
N GLU B 126 -33.52 -13.51 13.74
CA GLU B 126 -33.93 -14.87 13.84
CA GLU B 126 -33.81 -14.94 13.79
C GLU B 126 -34.26 -15.39 12.44
C GLU B 126 -34.31 -15.45 12.43
N SER B 127 -35.10 -14.67 11.71
CA SER B 127 -35.55 -15.14 10.40
C SER B 127 -34.41 -15.14 9.37
N GLU B 128 -33.52 -14.15 9.44
CA GLU B 128 -32.34 -14.16 8.59
C GLU B 128 -31.49 -15.41 8.84
N GLU B 129 -31.26 -15.75 10.11
CA GLU B 129 -30.50 -16.96 10.42
C GLU B 129 -31.22 -18.21 9.93
N ALA B 130 -32.55 -18.25 10.08
CA ALA B 130 -33.31 -19.42 9.67
C ALA B 130 -33.14 -19.72 8.17
N PHE B 131 -33.04 -18.69 7.35
CA PHE B 131 -33.05 -18.87 5.90
C PHE B 131 -31.66 -18.82 5.27
N LYS B 132 -30.61 -18.70 6.07
CA LYS B 132 -29.25 -18.83 5.55
C LYS B 132 -29.12 -20.14 4.77
N GLY B 133 -28.52 -20.06 3.59
CA GLY B 133 -28.43 -21.24 2.74
C GLY B 133 -29.69 -21.58 1.97
N ARG B 134 -30.82 -20.98 2.32
CA ARG B 134 -32.10 -21.22 1.64
C ARG B 134 -32.66 -19.90 1.13
N GLY B 135 -31.77 -19.01 0.72
CA GLY B 135 -32.17 -17.77 0.11
C GLY B 135 -31.55 -16.57 0.78
N VAL B 136 -30.94 -16.73 1.96
CA VAL B 136 -30.19 -15.63 2.56
C VAL B 136 -28.71 -15.92 2.39
N SER B 137 -27.96 -14.89 1.98
CA SER B 137 -26.57 -15.04 1.60
C SER B 137 -25.86 -13.73 1.86
N ALA B 138 -24.55 -13.82 2.05
CA ALA B 138 -23.74 -12.62 2.15
C ALA B 138 -22.72 -12.54 1.01
N CYS B 139 -22.95 -13.24 -0.10
CA CYS B 139 -21.92 -13.29 -1.14
C CYS B 139 -22.59 -13.46 -2.50
N ALA B 140 -22.65 -12.37 -3.25
CA ALA B 140 -23.41 -12.38 -4.50
C ALA B 140 -22.69 -13.17 -5.59
N THR B 141 -21.37 -13.09 -5.67
CA THR B 141 -20.71 -13.91 -6.70
C THR B 141 -20.83 -15.40 -6.39
N CYS B 142 -20.89 -15.76 -5.11
CA CYS B 142 -21.04 -17.17 -4.74
C CYS B 142 -22.39 -17.70 -5.19
N ASP B 143 -23.47 -16.95 -4.92
CA ASP B 143 -24.82 -17.47 -5.06
C ASP B 143 -25.65 -16.85 -6.17
N GLY B 144 -25.12 -15.87 -6.89
CA GLY B 144 -25.96 -15.11 -7.80
C GLY B 144 -26.59 -15.93 -8.91
N PHE B 145 -25.84 -16.91 -9.40
CA PHE B 145 -26.32 -17.58 -10.61
C PHE B 145 -27.60 -18.38 -10.34
N PHE B 146 -27.87 -18.74 -9.09
CA PHE B 146 -29.12 -19.40 -8.76
C PHE B 146 -30.34 -18.54 -8.99
N TYR B 147 -30.19 -17.24 -9.19
CA TYR B 147 -31.32 -16.32 -9.26
C TYR B 147 -31.50 -15.76 -10.67
N ARG B 148 -31.02 -16.47 -11.69
CA ARG B 148 -31.22 -16.03 -13.07
C ARG B 148 -32.69 -15.76 -13.36
N ASN B 149 -32.96 -14.56 -13.88
CA ASN B 149 -34.32 -14.12 -14.20
C ASN B 149 -35.22 -14.05 -12.97
N GLN B 150 -34.69 -14.03 -11.75
CA GLN B 150 -35.53 -13.93 -10.56
C GLN B 150 -35.47 -12.53 -9.95
N LYS B 151 -36.29 -12.30 -8.92
CA LYS B 151 -36.24 -11.09 -8.09
C LYS B 151 -35.43 -11.35 -6.84
N VAL B 152 -34.49 -10.44 -6.55
CA VAL B 152 -33.61 -10.56 -5.40
C VAL B 152 -33.52 -9.21 -4.71
N ALA B 153 -33.22 -9.27 -3.41
CA ALA B 153 -32.97 -8.09 -2.62
C ALA B 153 -31.50 -8.04 -2.20
N VAL B 154 -31.00 -6.82 -2.04
CA VAL B 154 -29.69 -6.52 -1.46
C VAL B 154 -29.92 -5.49 -0.35
N VAL B 155 -29.33 -5.74 0.83
CA VAL B 155 -29.46 -4.84 1.99
C VAL B 155 -28.09 -4.24 2.26
N GLY B 156 -28.02 -2.91 2.27
CA GLY B 156 -26.80 -2.17 2.61
C GLY B 156 -26.61 -0.94 1.72
N GLY B 157 -25.70 -0.05 2.08
CA GLY B 157 -25.56 1.13 1.26
C GLY B 157 -24.14 1.53 0.95
N GLY B 158 -23.17 0.59 1.06
CA GLY B 158 -21.78 0.90 0.84
C GLY B 158 -21.25 0.28 -0.44
N ASN B 159 -19.92 0.25 -0.56
CA ASN B 159 -19.30 -0.26 -1.79
C ASN B 159 -19.72 -1.71 -2.04
N THR B 160 -19.75 -2.54 -1.00
CA THR B 160 -20.08 -3.94 -1.24
C THR B 160 -21.53 -4.07 -1.73
N ALA B 161 -22.49 -3.42 -1.05
CA ALA B 161 -23.90 -3.54 -1.46
C ALA B 161 -24.11 -3.06 -2.89
N VAL B 162 -23.56 -1.88 -3.24
CA VAL B 162 -23.73 -1.35 -4.58
C VAL B 162 -23.08 -2.26 -5.61
N GLU B 163 -21.85 -2.73 -5.33
N GLU B 163 -21.86 -2.75 -5.34
CA GLU B 163 -21.23 -3.67 -6.25
CA GLU B 163 -21.25 -3.67 -6.29
C GLU B 163 -22.05 -4.94 -6.37
C GLU B 163 -22.04 -4.97 -6.37
N GLU B 164 -22.59 -5.45 -5.27
CA GLU B 164 -23.36 -6.69 -5.37
C GLU B 164 -24.65 -6.47 -6.17
N ALA B 165 -25.32 -5.32 -5.98
CA ALA B 165 -26.51 -5.01 -6.76
C ALA B 165 -26.15 -4.90 -8.22
N LEU B 166 -25.04 -4.23 -8.54
CA LEU B 166 -24.61 -4.18 -9.95
C LEU B 166 -24.34 -5.57 -10.51
N TYR B 167 -23.61 -6.40 -9.77
CA TYR B 167 -23.30 -7.74 -10.24
C TYR B 167 -24.59 -8.52 -10.49
N LEU B 168 -25.50 -8.53 -9.52
CA LEU B 168 -26.73 -9.29 -9.66
C LEU B 168 -27.63 -8.74 -10.76
N SER B 169 -27.53 -7.45 -11.11
CA SER B 169 -28.44 -6.91 -12.12
C SER B 169 -28.23 -7.55 -13.49
N ASN B 170 -27.07 -8.18 -13.74
CA ASN B 170 -26.88 -8.90 -14.99
C ASN B 170 -27.37 -10.32 -14.95
N ILE B 171 -27.88 -10.79 -13.81
CA ILE B 171 -28.32 -12.18 -13.68
C ILE B 171 -29.81 -12.23 -13.38
N ALA B 172 -30.21 -11.50 -12.36
CA ALA B 172 -31.57 -11.44 -11.85
C ALA B 172 -32.47 -10.62 -12.77
N ALA B 173 -33.78 -10.90 -12.72
CA ALA B 173 -34.72 -10.04 -13.44
C ALA B 173 -34.81 -8.65 -12.80
N GLU B 174 -34.81 -8.58 -11.46
CA GLU B 174 -34.73 -7.26 -10.84
C GLU B 174 -34.05 -7.39 -9.48
N VAL B 175 -33.34 -6.32 -9.15
CA VAL B 175 -32.58 -6.20 -7.91
C VAL B 175 -33.21 -5.07 -7.07
N HIS B 176 -33.63 -5.41 -5.86
CA HIS B 176 -34.19 -4.44 -4.91
C HIS B 176 -33.10 -4.09 -3.92
N LEU B 177 -32.56 -2.88 -4.03
CA LEU B 177 -31.51 -2.44 -3.15
C LEU B 177 -32.12 -1.67 -1.97
N ILE B 178 -31.95 -2.20 -0.76
CA ILE B 178 -32.55 -1.65 0.47
C ILE B 178 -31.45 -1.02 1.31
N HIS B 179 -31.66 0.22 1.72
CA HIS B 179 -30.67 0.91 2.54
C HIS B 179 -31.42 1.84 3.49
N ARG B 180 -30.91 1.99 4.71
CA ARG B 180 -31.61 2.70 5.78
C ARG B 180 -31.55 4.22 5.67
N ARG B 181 -30.75 4.79 4.77
CA ARG B 181 -30.72 6.24 4.52
C ARG B 181 -31.05 6.48 3.06
N ASP B 182 -31.00 7.74 2.65
CA ASP B 182 -31.37 8.11 1.29
C ASP B 182 -30.17 8.42 0.40
N SER B 183 -28.95 8.13 0.86
CA SER B 183 -27.77 8.28 0.04
C SER B 183 -26.79 7.17 0.39
N PHE B 184 -25.90 6.87 -0.54
CA PHE B 184 -24.99 5.74 -0.47
C PHE B 184 -23.57 6.20 -0.18
N ARG B 185 -22.80 5.38 0.53
CA ARG B 185 -21.40 5.75 0.72
C ARG B 185 -20.46 4.99 -0.20
N ALA B 186 -20.96 4.46 -1.31
CA ALA B 186 -20.08 3.83 -2.29
C ALA B 186 -19.27 4.88 -3.07
N GLU B 187 -18.21 4.42 -3.75
CA GLU B 187 -17.46 5.27 -4.70
C GLU B 187 -18.39 5.94 -5.70
N LYS B 188 -18.11 7.20 -6.03
CA LYS B 188 -19.03 7.93 -6.92
C LYS B 188 -19.15 7.27 -8.29
N ILE B 189 -18.05 6.73 -8.83
CA ILE B 189 -18.16 6.06 -10.10
C ILE B 189 -19.17 4.90 -10.01
N LEU B 190 -19.20 4.20 -8.88
CA LEU B 190 -20.12 3.08 -8.75
C LEU B 190 -21.53 3.58 -8.53
N ILE B 191 -21.70 4.69 -7.81
CA ILE B 191 -23.03 5.28 -7.67
C ILE B 191 -23.58 5.71 -9.02
N ASN B 192 -22.72 6.24 -9.91
CA ASN B 192 -23.17 6.61 -11.26
C ASN B 192 -23.66 5.38 -12.04
N ARG B 193 -22.90 4.28 -12.00
N ARG B 193 -22.89 4.28 -11.99
CA ARG B 193 -23.37 3.05 -12.63
CA ARG B 193 -23.36 3.05 -12.63
C ARG B 193 -24.71 2.61 -12.02
C ARG B 193 -24.69 2.59 -12.02
N LEU B 194 -24.80 2.65 -10.69
CA LEU B 194 -26.02 2.26 -10.01
C LEU B 194 -27.21 3.09 -10.49
N MET B 195 -27.07 4.41 -10.47
CA MET B 195 -28.20 5.26 -10.80
C MET B 195 -28.58 5.15 -12.27
N ASP B 196 -27.63 4.85 -13.15
CA ASP B 196 -28.01 4.57 -14.51
C ASP B 196 -28.94 3.36 -14.62
N LYS B 197 -28.67 2.30 -13.85
CA LYS B 197 -29.53 1.12 -13.86
C LYS B 197 -30.82 1.35 -13.12
N VAL B 198 -30.81 2.26 -12.15
CA VAL B 198 -32.06 2.61 -11.49
C VAL B 198 -32.96 3.34 -12.47
N GLN B 199 -32.43 4.31 -13.23
CA GLN B 199 -33.41 4.98 -14.06
C GLN B 199 -33.63 4.30 -15.39
N ASN B 200 -32.70 3.50 -15.87
CA ASN B 200 -32.87 2.89 -17.18
C ASN B 200 -32.92 1.38 -17.15
N GLY B 201 -32.66 0.75 -16.02
CA GLY B 201 -32.41 -0.69 -16.00
C GLY B 201 -33.31 -1.36 -14.98
N ASN B 202 -32.77 -2.41 -14.35
CA ASN B 202 -33.56 -3.29 -13.53
C ASN B 202 -33.13 -3.26 -12.06
N ILE B 203 -32.59 -2.14 -11.57
CA ILE B 203 -32.40 -1.95 -10.14
C ILE B 203 -33.47 -0.99 -9.60
N VAL B 204 -34.08 -1.37 -8.47
CA VAL B 204 -35.08 -0.56 -7.76
C VAL B 204 -34.53 -0.19 -6.40
N LEU B 205 -34.62 1.09 -6.04
CA LEU B 205 -34.14 1.57 -4.74
C LEU B 205 -35.25 1.47 -3.70
N HIS B 206 -34.89 1.05 -2.49
CA HIS B 206 -35.76 1.20 -1.34
C HIS B 206 -34.98 1.91 -0.23
N THR B 207 -34.87 3.22 -0.33
CA THR B 207 -34.10 4.00 0.61
C THR B 207 -34.96 4.30 1.84
N ASP B 208 -34.31 4.71 2.92
CA ASP B 208 -34.99 4.89 4.20
C ASP B 208 -35.73 3.62 4.66
N ARG B 209 -35.14 2.44 4.43
CA ARG B 209 -35.79 1.19 4.85
C ARG B 209 -34.80 0.30 5.57
N VAL B 210 -35.32 -0.46 6.53
CA VAL B 210 -34.57 -1.53 7.15
C VAL B 210 -35.32 -2.82 6.93
N LEU B 211 -34.56 -3.91 6.87
CA LEU B 211 -35.13 -5.25 6.73
C LEU B 211 -35.67 -5.66 8.09
N ASP B 212 -37.00 -5.78 8.19
CA ASP B 212 -37.68 -6.15 9.43
C ASP B 212 -37.75 -7.67 9.62
N GLU B 213 -37.94 -8.43 8.53
CA GLU B 213 -38.10 -9.88 8.64
C GLU B 213 -37.87 -10.48 7.27
N VAL B 214 -37.19 -11.62 7.24
CA VAL B 214 -37.11 -12.43 6.02
C VAL B 214 -38.26 -13.44 6.05
N LEU B 215 -39.05 -13.46 4.99
CA LEU B 215 -40.28 -14.24 4.88
C LEU B 215 -40.04 -15.41 3.92
N GLY B 216 -40.68 -16.55 4.20
CA GLY B 216 -40.40 -17.72 3.39
C GLY B 216 -41.28 -18.87 3.81
N ASP B 217 -41.14 -19.97 3.07
CA ASP B 217 -41.89 -21.19 3.31
C ASP B 217 -40.90 -22.26 3.74
N GLU B 218 -41.33 -23.52 3.73
CA GLU B 218 -40.44 -24.57 4.19
C GLU B 218 -39.27 -24.80 3.24
N MET B 219 -39.33 -24.27 2.01
N MET B 219 -39.34 -24.29 2.01
CA MET B 219 -38.23 -24.46 1.07
CA MET B 219 -38.24 -24.43 1.06
C MET B 219 -37.21 -23.32 1.13
C MET B 219 -37.21 -23.32 1.21
N GLY B 220 -37.66 -22.07 1.25
CA GLY B 220 -36.73 -20.96 1.34
C GLY B 220 -37.45 -19.63 1.21
N VAL B 221 -36.65 -18.60 0.94
CA VAL B 221 -37.11 -17.21 0.97
C VAL B 221 -38.14 -16.97 -0.10
N THR B 222 -39.20 -16.26 0.26
CA THR B 222 -40.15 -15.79 -0.71
C THR B 222 -40.43 -14.32 -0.58
N GLY B 223 -39.91 -13.65 0.45
CA GLY B 223 -40.04 -12.20 0.50
C GLY B 223 -39.30 -11.63 1.69
N VAL B 224 -39.37 -10.30 1.80
CA VAL B 224 -38.85 -9.57 2.94
C VAL B 224 -39.88 -8.52 3.36
N ARG B 225 -39.96 -8.28 4.67
CA ARG B 225 -40.72 -7.14 5.16
C ARG B 225 -39.74 -6.02 5.47
N LEU B 226 -40.02 -4.84 4.92
CA LEU B 226 -39.26 -3.59 5.13
C LEU B 226 -40.00 -2.69 6.11
N LYS B 227 -39.24 -1.93 6.90
CA LYS B 227 -39.80 -0.96 7.83
C LYS B 227 -39.28 0.42 7.48
N ASP B 228 -40.20 1.38 7.37
CA ASP B 228 -39.84 2.77 7.11
C ASP B 228 -39.17 3.38 8.35
N VAL B 229 -37.93 3.84 8.20
CA VAL B 229 -37.15 4.32 9.36
C VAL B 229 -37.72 5.61 9.94
N LYS B 230 -38.54 6.33 9.17
CA LYS B 230 -39.11 7.60 9.56
C LYS B 230 -40.47 7.47 10.23
N THR B 231 -41.26 6.45 9.86
CA THR B 231 -42.61 6.32 10.35
C THR B 231 -42.91 5.03 11.12
N GLY B 232 -42.15 3.95 10.91
CA GLY B 232 -42.46 2.67 11.54
C GLY B 232 -43.43 1.79 10.77
N GLY B 233 -44.05 2.31 9.72
CA GLY B 233 -44.85 1.46 8.87
C GLY B 233 -44.02 0.41 8.16
N THR B 234 -44.69 -0.66 7.73
CA THR B 234 -44.01 -1.77 7.07
C THR B 234 -44.69 -2.09 5.73
N GLU B 235 -43.91 -2.68 4.82
CA GLU B 235 -44.39 -3.20 3.54
C GLU B 235 -43.65 -4.50 3.23
N GLU B 236 -44.20 -5.25 2.30
CA GLU B 236 -43.66 -6.53 1.87
C GLU B 236 -43.15 -6.45 0.45
N LEU B 237 -42.01 -7.09 0.23
CA LEU B 237 -41.40 -7.24 -1.07
C LEU B 237 -41.24 -8.71 -1.35
N ASP B 238 -41.78 -9.17 -2.49
CA ASP B 238 -41.60 -10.54 -2.92
C ASP B 238 -40.27 -10.68 -3.65
N VAL B 239 -39.41 -11.59 -3.15
CA VAL B 239 -38.11 -11.86 -3.74
C VAL B 239 -37.78 -13.32 -3.43
N MET B 240 -36.92 -13.93 -4.22
CA MET B 240 -36.49 -15.30 -3.93
C MET B 240 -35.20 -15.38 -3.13
N GLY B 241 -34.45 -14.30 -3.05
CA GLY B 241 -33.17 -14.32 -2.35
C GLY B 241 -32.91 -12.96 -1.74
N ALA B 242 -32.14 -12.95 -0.65
CA ALA B 242 -31.76 -11.70 0.00
C ALA B 242 -30.28 -11.77 0.30
N PHE B 243 -29.53 -10.83 -0.24
CA PHE B 243 -28.10 -10.73 -0.04
C PHE B 243 -27.82 -9.64 0.98
N ILE B 244 -27.08 -10.00 2.02
CA ILE B 244 -26.82 -9.10 3.12
C ILE B 244 -25.45 -8.49 2.87
N ALA B 245 -25.41 -7.16 2.73
CA ALA B 245 -24.18 -6.43 2.41
C ALA B 245 -24.05 -5.19 3.31
N ILE B 246 -24.02 -5.42 4.62
CA ILE B 246 -24.05 -4.33 5.59
C ILE B 246 -22.66 -4.10 6.22
N GLY B 247 -21.60 -4.56 5.58
CA GLY B 247 -20.27 -4.32 6.10
C GLY B 247 -19.61 -5.61 6.54
N HIS B 248 -18.39 -5.47 7.01
CA HIS B 248 -17.57 -6.61 7.41
C HIS B 248 -17.02 -6.32 8.80
N SER B 249 -16.96 -7.35 9.61
CA SER B 249 -16.57 -7.28 10.99
C SER B 249 -15.14 -7.81 11.15
N PRO B 250 -14.22 -7.13 11.85
CA PRO B 250 -12.85 -7.68 11.94
C PRO B 250 -12.82 -9.06 12.58
N ASN B 251 -11.97 -9.94 12.04
CA ASN B 251 -11.80 -11.30 12.56
C ASN B 251 -10.81 -11.32 13.73
N THR B 252 -11.32 -10.92 14.91
CA THR B 252 -10.49 -10.73 16.09
C THR B 252 -11.02 -11.46 17.32
N GLN B 253 -12.08 -12.25 17.16
CA GLN B 253 -12.70 -12.94 18.30
C GLN B 253 -11.69 -13.77 19.08
N ILE B 254 -10.76 -14.45 18.39
CA ILE B 254 -9.77 -15.28 19.10
C ILE B 254 -8.74 -14.47 19.87
N PHE B 255 -8.63 -13.16 19.68
CA PHE B 255 -7.64 -12.35 20.42
C PHE B 255 -8.25 -11.61 21.60
N GLN B 256 -9.56 -11.69 21.80
CA GLN B 256 -10.21 -10.97 22.89
C GLN B 256 -9.50 -11.21 24.21
N GLY B 257 -9.34 -10.13 24.98
CA GLY B 257 -8.67 -10.20 26.25
C GLY B 257 -7.16 -10.31 26.17
N GLN B 258 -6.57 -10.50 24.99
CA GLN B 258 -5.12 -10.64 24.94
C GLN B 258 -4.42 -9.53 24.14
N LEU B 259 -5.16 -8.71 23.38
CA LEU B 259 -4.65 -7.52 22.68
C LEU B 259 -5.57 -6.36 22.98
N ASP B 260 -5.01 -5.15 23.11
CA ASP B 260 -5.87 -3.98 23.20
C ASP B 260 -6.65 -3.88 21.90
N MET B 261 -7.97 -3.68 22.01
CA MET B 261 -8.85 -3.63 20.86
C MET B 261 -9.90 -2.56 21.13
N LYS B 262 -10.47 -2.01 20.06
CA LYS B 262 -11.57 -1.05 20.16
C LYS B 262 -12.58 -1.39 19.08
N ASP B 263 -13.82 -1.69 19.50
CA ASP B 263 -14.91 -2.12 18.63
C ASP B 263 -14.50 -3.29 17.75
N GLY B 264 -13.67 -4.18 18.30
CA GLY B 264 -13.21 -5.35 17.57
C GLY B 264 -11.94 -5.14 16.73
N TYR B 265 -11.53 -3.89 16.50
CA TYR B 265 -10.29 -3.65 15.77
C TYR B 265 -9.08 -3.74 16.69
N ILE B 266 -7.99 -4.30 16.18
CA ILE B 266 -6.74 -4.33 16.95
C ILE B 266 -6.10 -2.95 16.92
N LEU B 267 -5.73 -2.43 18.10
CA LEU B 267 -5.07 -1.14 18.21
C LEU B 267 -3.59 -1.34 17.97
N VAL B 268 -2.97 -0.40 17.23
CA VAL B 268 -1.55 -0.41 16.95
C VAL B 268 -0.98 0.94 17.32
N LYS B 269 0.35 0.99 17.40
CA LYS B 269 1.05 2.22 17.79
C LYS B 269 0.73 3.37 16.83
N SER B 270 0.65 3.09 15.54
CA SER B 270 0.51 4.08 14.47
C SER B 270 1.60 5.15 14.63
N GLY B 271 1.37 6.39 14.17
CA GLY B 271 2.35 7.45 14.36
C GLY B 271 3.41 7.47 13.26
N LEU B 272 4.35 8.39 13.43
CA LEU B 272 5.30 8.77 12.39
C LEU B 272 6.73 8.36 12.72
N GLU B 273 6.93 7.64 13.82
CA GLU B 273 8.28 7.34 14.29
C GLU B 273 8.63 5.87 14.12
N GLY B 274 7.90 5.14 13.29
CA GLY B 274 8.21 3.73 13.10
C GLY B 274 7.52 2.84 14.12
N ASN B 275 7.66 1.54 13.90
CA ASN B 275 7.02 0.53 14.70
C ASN B 275 5.51 0.75 14.72
N ALA B 276 4.95 1.25 13.61
CA ALA B 276 3.56 1.73 13.60
C ALA B 276 2.55 0.59 13.67
N THR B 277 2.93 -0.65 13.31
CA THR B 277 1.98 -1.76 13.39
C THR B 277 2.10 -2.56 14.69
N GLN B 278 2.92 -2.12 15.63
CA GLN B 278 3.04 -2.80 16.92
C GLN B 278 1.71 -2.73 17.68
N THR B 279 1.18 -3.90 18.06
CA THR B 279 0.01 -4.04 18.92
C THR B 279 0.39 -3.76 20.39
N SER B 280 -0.53 -4.03 21.33
CA SER B 280 -0.20 -3.85 22.74
C SER B 280 0.72 -4.94 23.28
N VAL B 281 1.06 -5.96 22.50
CA VAL B 281 1.97 -7.00 22.95
C VAL B 281 3.25 -6.87 22.13
N GLU B 282 4.37 -6.69 22.83
CA GLU B 282 5.64 -6.55 22.12
C GLU B 282 5.91 -7.81 21.28
N GLY B 283 6.23 -7.61 20.00
CA GLY B 283 6.48 -8.69 19.08
C GLY B 283 5.27 -9.16 18.30
N ILE B 284 4.09 -8.61 18.55
CA ILE B 284 2.90 -8.90 17.75
C ILE B 284 2.51 -7.65 16.99
N PHE B 285 2.39 -7.78 15.68
CA PHE B 285 2.07 -6.68 14.77
C PHE B 285 0.77 -6.99 14.04
N ALA B 286 0.07 -5.96 13.57
CA ALA B 286 -1.23 -6.18 12.92
C ALA B 286 -1.28 -5.35 11.65
N ALA B 287 -1.89 -5.89 10.60
CA ALA B 287 -1.92 -5.22 9.29
C ALA B 287 -3.24 -5.52 8.57
N GLY B 288 -3.72 -4.56 7.78
CA GLY B 288 -4.90 -4.78 6.99
C GLY B 288 -6.19 -4.37 7.69
N ASP B 289 -7.29 -4.94 7.18
CA ASP B 289 -8.63 -4.64 7.67
C ASP B 289 -8.82 -4.92 9.14
N VAL B 290 -7.95 -5.73 9.74
CA VAL B 290 -8.14 -6.07 11.14
C VAL B 290 -7.82 -4.90 12.06
N MET B 291 -7.08 -3.88 11.55
CA MET B 291 -6.71 -2.74 12.37
C MET B 291 -7.08 -1.40 11.72
N ASP B 292 -7.90 -1.42 10.67
CA ASP B 292 -8.23 -0.22 9.91
C ASP B 292 -9.75 -0.15 9.76
N HIS B 293 -10.42 0.79 10.45
CA HIS B 293 -11.86 0.94 10.28
C HIS B 293 -12.19 2.11 9.38
N ASN B 294 -11.20 2.68 8.70
CA ASN B 294 -11.36 3.93 7.98
C ASN B 294 -11.16 3.83 6.49
N TYR B 295 -10.18 3.06 6.01
CA TYR B 295 -9.83 3.11 4.59
C TYR B 295 -10.23 1.80 3.91
N ARG B 296 -9.68 0.67 4.37
CA ARG B 296 -10.21 -0.65 4.06
C ARG B 296 -10.17 -0.96 2.56
N GLN B 297 -9.04 -0.69 1.93
CA GLN B 297 -8.80 -1.03 0.54
C GLN B 297 -7.69 -2.07 0.46
N ALA B 298 -7.61 -2.72 -0.69
CA ALA B 298 -6.54 -3.68 -0.87
C ALA B 298 -5.18 -2.99 -0.84
N ILE B 299 -5.06 -1.81 -1.48
CA ILE B 299 -3.76 -1.15 -1.56
C ILE B 299 -3.31 -0.64 -0.20
N THR B 300 -4.25 -0.19 0.64
CA THR B 300 -3.86 0.24 1.98
C THR B 300 -3.56 -0.96 2.87
N SER B 301 -4.28 -2.07 2.68
CA SER B 301 -3.96 -3.34 3.37
C SER B 301 -2.58 -3.87 3.00
N ALA B 302 -2.27 -3.88 1.70
CA ALA B 302 -0.93 -4.29 1.25
C ALA B 302 0.14 -3.40 1.86
N GLY B 303 -0.09 -2.09 1.86
CA GLY B 303 0.89 -1.17 2.45
C GLY B 303 1.18 -1.45 3.92
N THR B 304 0.12 -1.62 4.75
N THR B 304 0.13 -1.62 4.72
CA THR B 304 0.42 -1.91 6.15
CA THR B 304 0.35 -1.93 6.12
C THR B 304 0.96 -3.33 6.32
C THR B 304 0.98 -3.31 6.28
N GLY B 305 0.67 -4.24 5.39
CA GLY B 305 1.33 -5.54 5.42
C GLY B 305 2.85 -5.41 5.25
N CYS B 306 3.28 -4.55 4.33
CA CYS B 306 4.72 -4.31 4.18
C CYS B 306 5.31 -3.76 5.47
N MET B 307 4.62 -2.80 6.11
CA MET B 307 5.12 -2.17 7.33
C MET B 307 5.26 -3.16 8.48
N ALA B 308 4.29 -4.08 8.59
CA ALA B 308 4.32 -5.10 9.62
C ALA B 308 5.51 -6.03 9.43
N ALA B 309 5.84 -6.37 8.17
CA ALA B 309 7.03 -7.19 7.95
C ALA B 309 8.31 -6.43 8.32
N LEU B 310 8.42 -5.14 7.96
CA LEU B 310 9.66 -4.43 8.29
C LEU B 310 9.73 -4.17 9.79
N ASP B 311 8.57 -3.92 10.44
CA ASP B 311 8.53 -3.82 11.90
C ASP B 311 9.01 -5.12 12.55
N ALA B 312 8.48 -6.25 12.08
CA ALA B 312 8.86 -7.53 12.68
C ALA B 312 10.35 -7.82 12.46
N GLU B 313 10.86 -7.52 11.26
CA GLU B 313 12.29 -7.72 10.99
C GLU B 313 13.15 -6.95 11.97
N ARG B 314 12.81 -5.67 12.22
CA ARG B 314 13.57 -4.88 13.18
C ARG B 314 13.45 -5.46 14.57
N TYR B 315 12.24 -5.90 14.95
CA TYR B 315 12.06 -6.53 16.26
C TYR B 315 12.87 -7.81 16.39
N LEU B 316 12.83 -8.68 15.37
CA LEU B 316 13.61 -9.93 15.49
C LEU B 316 15.10 -9.65 15.52
N ASP B 317 15.56 -8.69 14.71
CA ASP B 317 16.95 -8.29 14.72
C ASP B 317 17.38 -7.81 16.11
N SER B 318 16.51 -7.05 16.79
CA SER B 318 16.85 -6.59 18.12
C SER B 318 16.97 -7.73 19.13
N LEU B 319 16.48 -8.93 18.80
CA LEU B 319 16.64 -10.07 19.69
C LEU B 319 18.07 -10.63 19.63
N ASN B 320 18.64 -10.74 18.43
CA ASN B 320 19.98 -11.28 18.23
C ASN B 320 21.03 -10.18 18.07
PA NAP C . 19.00 5.05 3.51
O1A NAP C . 18.15 3.84 3.74
O2A NAP C . 18.88 6.35 4.31
O5B NAP C . 20.55 4.60 3.66
C5B NAP C . 21.56 5.63 3.64
C4B NAP C . 22.92 4.91 3.66
O4B NAP C . 23.97 5.83 3.43
C3B NAP C . 23.14 4.35 5.05
O3B NAP C . 23.94 3.20 4.81
C2B NAP C . 23.96 5.40 5.76
O2B NAP C . 24.93 4.89 6.66
C1B NAP C . 24.77 5.99 4.60
N9A NAP C . 24.98 7.45 4.80
C8A NAP C . 24.01 8.35 5.07
N7A NAP C . 24.53 9.61 5.18
C5A NAP C . 25.86 9.49 4.97
C6A NAP C . 27.01 10.39 4.89
N6A NAP C . 26.86 11.73 5.11
N1A NAP C . 28.20 9.84 4.62
C2A NAP C . 28.38 8.54 4.41
N3A NAP C . 27.38 7.66 4.45
C4A NAP C . 26.13 8.06 4.71
O3 NAP C . 18.87 5.56 1.99
PN NAP C . 18.61 4.74 0.62
O1N NAP C . 19.52 3.56 0.51
O2N NAP C . 18.57 5.72 -0.54
O5D NAP C . 17.07 4.28 0.82
C5D NAP C . 15.97 5.22 0.87
C4D NAP C . 14.71 4.40 1.20
O4D NAP C . 14.13 3.81 0.01
C3D NAP C . 15.08 3.27 2.18
O3D NAP C . 14.14 3.14 3.27
C2D NAP C . 15.06 2.03 1.28
O2D NAP C . 14.85 0.79 1.98
C1D NAP C . 14.10 2.37 0.14
N1N NAP C . 14.66 1.68 -1.03
C2N NAP C . 14.23 0.43 -1.23
C3N NAP C . 14.69 -0.36 -2.27
C7N NAP C . 14.15 -1.78 -2.35
O7N NAP C . 13.13 -2.09 -1.73
N7N NAP C . 14.88 -2.68 -3.03
C4N NAP C . 15.66 0.17 -3.12
C5N NAP C . 16.13 1.48 -2.90
C6N NAP C . 15.61 2.25 -1.83
P2B NAP C . 24.54 4.24 8.11
O1X NAP C . 23.97 2.92 7.71
O2X NAP C . 25.93 4.26 8.70
O3X NAP C . 23.52 5.18 8.67
PA FAD D . 8.59 9.80 -5.78
O1A FAD D . 8.49 8.50 -6.51
O2A FAD D . 9.91 10.36 -5.38
O5B FAD D . 7.81 10.93 -6.60
C5B FAD D . 7.81 12.27 -6.16
C4B FAD D . 7.25 13.05 -7.34
O4B FAD D . 7.01 14.39 -6.91
C3B FAD D . 8.17 13.06 -8.54
O3B FAD D . 7.28 12.79 -9.63
C2B FAD D . 8.60 14.52 -8.60
O2B FAD D . 8.75 14.98 -9.95
C1B FAD D . 7.42 15.25 -7.94
N9A FAD D . 7.85 16.53 -7.37
C8A FAD D . 8.94 16.81 -6.63
N7A FAD D . 8.99 18.13 -6.36
C5A FAD D . 7.93 18.73 -6.98
C6A FAD D . 7.37 20.09 -7.11
N6A FAD D . 7.96 21.15 -6.53
N1A FAD D . 6.23 20.26 -7.84
C2A FAD D . 5.60 19.21 -8.43
N3A FAD D . 6.06 17.94 -8.35
C4A FAD D . 7.19 17.66 -7.64
N1 FAD D . 10.77 0.91 -3.55
C2 FAD D . 10.27 -0.33 -3.64
O2 FAD D . 9.21 -0.55 -3.04
N3 FAD D . 10.90 -1.33 -4.31
C4 FAD D . 12.04 -1.11 -4.95
O4 FAD D . 12.61 -2.02 -5.56
C4X FAD D . 12.64 0.24 -4.91
N5 FAD D . 13.79 0.52 -5.52
C5X FAD D . 14.33 1.76 -5.53
C6 FAD D . 15.54 1.99 -6.21
C7 FAD D . 16.08 3.28 -6.22
C7M FAD D . 17.38 3.54 -6.98
C8 FAD D . 15.40 4.38 -5.49
C8M FAD D . 16.00 5.76 -5.49
C9 FAD D . 14.18 4.15 -4.80
C9A FAD D . 13.63 2.86 -4.81
N10 FAD D . 12.44 2.57 -4.10
C10 FAD D . 11.92 1.26 -4.15
C1' FAD D . 11.76 3.60 -3.33
C2' FAD D . 10.58 4.14 -4.07
O2' FAD D . 11.17 4.71 -5.23
C3' FAD D . 9.93 5.20 -3.22
O3' FAD D . 9.55 4.64 -1.96
C4' FAD D . 8.69 5.71 -3.90
O4' FAD D . 9.05 6.09 -5.21
C5' FAD D . 8.18 6.96 -3.20
O5' FAD D . 7.05 7.38 -3.97
P FAD D . 6.52 8.87 -3.90
O1P FAD D . 6.37 9.27 -2.48
O2P FAD D . 5.33 9.03 -4.83
O3P FAD D . 7.75 9.76 -4.39
K K E . 14.90 -1.70 -7.01
AS CAC F . -0.25 18.10 13.43
O1 CAC F . -0.30 18.41 11.71
O2 CAC F . -1.84 17.55 13.93
C1 CAC F . 1.07 16.71 13.85
C2 CAC F . 0.23 19.74 14.40
C1 GOL G . -0.67 3.44 10.97
O1 GOL G . -0.40 2.02 10.95
C2 GOL G . -2.11 3.57 10.48
O2 GOL G . -2.23 2.89 9.23
C3 GOL G . -2.54 5.02 10.23
O3 GOL G . -3.78 4.87 9.52
C1 GOL H . 1.91 5.63 9.67
O1 GOL H . 1.16 5.66 10.88
C2 GOL H . 1.48 6.84 8.87
O2 GOL H . 1.75 6.48 7.53
C3 GOL H . -0.01 7.15 9.02
O3 GOL H . -0.39 8.00 7.91
PA NAP I . -19.26 -0.18 4.82
O1A NAP I . -18.51 0.84 3.98
O2A NAP I . -19.10 -0.28 6.34
O5B NAP I . -20.85 -0.02 4.51
C5B NAP I . -21.85 -0.58 5.36
C4B NAP I . -23.18 -0.17 4.76
O4B NAP I . -24.23 -0.93 5.38
C3B NAP I . -23.37 1.26 5.14
O3B NAP I . -24.11 1.82 4.05
C2B NAP I . -24.17 1.18 6.44
O2B NAP I . -25.16 2.19 6.55
C1B NAP I . -24.98 -0.08 6.23
N9A NAP I . -25.22 -0.80 7.48
C8A NAP I . -24.29 -1.19 8.37
N7A NAP I . -24.86 -1.88 9.38
C5A NAP I . -26.19 -1.96 9.12
C6A NAP I . -27.37 -2.55 9.78
N6A NAP I . -27.22 -3.22 10.96
N1A NAP I . -28.58 -2.41 9.15
C2A NAP I . -28.72 -1.74 7.99
N3A NAP I . -27.66 -1.17 7.31
C4A NAP I . -26.42 -1.25 7.85
O3 NAP I . -18.98 -1.71 4.38
PN NAP I . -18.84 -2.40 2.93
O1N NAP I . -19.74 -1.77 1.92
O2N NAP I . -18.76 -3.92 3.05
O5D NAP I . -17.29 -2.05 2.61
C5D NAP I . -16.27 -2.49 3.53
C4D NAP I . -15.00 -1.69 3.17
O4D NAP I . -14.37 -2.28 2.00
C3D NAP I . -15.29 -0.22 2.85
O3D NAP I . -14.24 0.63 3.32
C2D NAP I . -15.26 -0.24 1.33
O2D NAP I . -15.06 1.08 0.78
C1D NAP I . -14.24 -1.34 0.95
N1N NAP I . -14.66 -1.90 -0.33
C2N NAP I . -14.22 -1.29 -1.44
C3N NAP I . -14.63 -1.67 -2.70
C7N NAP I . -14.03 -0.92 -3.87
O7N NAP I . -12.98 -0.29 -3.61
N7N NAP I . -14.66 -0.96 -5.07
C4N NAP I . -15.56 -2.71 -2.83
C5N NAP I . -16.02 -3.31 -1.66
C6N NAP I . -15.57 -2.88 -0.41
P2B NAP I . -24.82 3.69 6.98
O1X NAP I . -24.30 4.24 5.67
O2X NAP I . -26.19 4.25 7.38
O3X NAP I . -23.84 3.42 8.07
PA FAD J . -8.64 -10.18 3.95
O1A FAD J . -8.52 -9.92 2.49
O2A FAD J . -9.98 -10.23 4.65
O5B FAD J . -7.84 -11.51 4.33
C5B FAD J . -7.81 -11.93 5.70
C4B FAD J . -7.22 -13.32 5.76
O4B FAD J . -7.13 -13.72 7.13
C3B FAD J . -8.04 -14.35 4.99
O3B FAD J . -7.13 -15.12 4.17
C2B FAD J . -8.60 -15.21 6.09
O2B FAD J . -8.75 -16.60 5.74
C1B FAD J . -7.52 -15.07 7.16
N9A FAD J . -8.06 -15.42 8.47
C8A FAD J . -9.18 -14.96 9.05
N7A FAD J . -9.31 -15.52 10.29
C5A FAD J . -8.28 -16.39 10.50
C6A FAD J . -7.82 -17.35 11.56
N6A FAD J . -8.47 -17.55 12.71
N1A FAD J . -6.68 -18.02 11.33
C2A FAD J . -5.94 -17.87 10.19
N3A FAD J . -6.31 -17.04 9.19
C4A FAD J . -7.46 -16.32 9.28
N1 FAD J . -10.74 -3.31 -2.11
C2 FAD J . -10.20 -2.62 -3.16
O2 FAD J . -9.15 -1.95 -2.96
N3 FAD J . -10.79 -2.57 -4.40
C4 FAD J . -11.92 -3.26 -4.69
O4 FAD J . -12.40 -3.22 -5.83
C4X FAD J . -12.55 -4.06 -3.61
N5 FAD J . -13.68 -4.81 -3.79
C5X FAD J . -14.17 -5.58 -2.77
C6 FAD J . -15.32 -6.34 -2.96
C7 FAD J . -15.86 -7.09 -1.93
C7M FAD J . -17.13 -7.90 -2.25
C8 FAD J . -15.23 -7.12 -0.58
C8M FAD J . -15.78 -7.97 0.55
C9 FAD J . -14.07 -6.36 -0.38
C9A FAD J . -13.54 -5.57 -1.41
N10 FAD J . -12.38 -4.79 -1.22
C10 FAD J . -11.86 -4.05 -2.28
C1' FAD J . -11.71 -4.74 0.10
C2' FAD J . -10.54 -5.67 0.15
O2' FAD J . -11.10 -6.96 -0.16
C3' FAD J . -9.97 -5.59 1.55
O3' FAD J . -9.63 -4.23 1.90
C4' FAD J . -8.72 -6.47 1.64
O4' FAD J . -9.05 -7.78 1.15
C5' FAD J . -8.29 -6.54 3.09
O5' FAD J . -7.15 -7.38 3.09
P FAD J . -6.58 -8.09 4.38
O1P FAD J . -6.56 -7.24 5.60
O2P FAD J . -5.42 -8.99 4.01
O3P FAD J . -7.81 -9.06 4.77
K K K . -14.54 -4.71 -6.51
AS CAC L . -1.10 0.63 22.04
O1 CAC L . 0.26 1.23 21.16
O2 CAC L . -1.86 -0.64 21.11
C1 CAC L . -0.53 -0.11 23.77
C2 CAC L . -2.40 2.07 22.34
#